data_2KOU
#
_entry.id   2KOU
#
_entity_poly.entity_id   1
_entity_poly.type   'polypeptide(L)'
_entity_poly.pdbx_seq_one_letter_code
;ISGGSSISMMYKYCSRLPHDEFFQPKPEFQFKPVDEFGGTICRITLPANAPISEIESSLLPSTEAAKKDACLKAVHELHN
LGVLNDFLLPDSKDEIEDELSD
;
_entity_poly.pdbx_strand_id   A
#
# COMPACT_ATOMS: atom_id res chain seq x y z
N ILE A 1 5.97 16.69 11.96
CA ILE A 1 6.24 15.28 11.72
C ILE A 1 7.32 15.15 10.65
N SER A 2 8.52 14.78 11.10
CA SER A 2 9.64 14.62 10.21
C SER A 2 9.84 13.14 9.87
N GLY A 3 9.33 12.76 8.72
CA GLY A 3 9.45 11.39 8.26
C GLY A 3 10.38 11.26 7.07
N GLY A 4 10.48 10.05 6.55
CA GLY A 4 11.34 9.80 5.40
C GLY A 4 11.60 8.30 5.24
N SER A 5 12.49 7.80 6.09
CA SER A 5 12.85 6.38 6.07
C SER A 5 11.61 5.53 6.32
N SER A 6 10.71 6.08 7.13
CA SER A 6 9.48 5.37 7.46
C SER A 6 8.61 5.20 6.21
N ILE A 7 8.72 6.20 5.32
CA ILE A 7 7.95 6.18 4.09
C ILE A 7 8.47 5.05 3.19
N SER A 8 9.79 4.99 3.07
CA SER A 8 10.42 3.97 2.25
C SER A 8 9.75 2.62 2.48
N MET A 9 9.26 2.43 3.70
CA MET A 9 8.59 1.20 4.06
C MET A 9 7.12 1.22 3.61
N MET A 10 6.50 2.37 3.82
CA MET A 10 5.10 2.54 3.44
C MET A 10 4.94 2.61 1.92
N TYR A 11 5.89 3.28 1.30
CA TYR A 11 5.86 3.44 -0.15
C TYR A 11 6.04 2.09 -0.85
N LYS A 12 6.89 1.26 -0.25
CA LYS A 12 7.16 -0.06 -0.80
C LYS A 12 5.82 -0.77 -1.06
N TYR A 13 4.90 -0.58 -0.14
CA TYR A 13 3.59 -1.20 -0.27
C TYR A 13 2.84 -0.67 -1.49
N CYS A 14 2.98 0.63 -1.71
CA CYS A 14 2.32 1.27 -2.85
C CYS A 14 3.07 0.86 -4.12
N SER A 15 4.36 0.64 -3.96
CA SER A 15 5.19 0.24 -5.09
C SER A 15 4.61 -1.00 -5.77
N ARG A 16 3.73 -1.68 -5.03
CA ARG A 16 3.10 -2.88 -5.54
C ARG A 16 2.13 -2.52 -6.67
N LEU A 17 1.99 -1.22 -6.91
CA LEU A 17 1.11 -0.74 -7.95
C LEU A 17 1.54 -1.33 -9.30
N PRO A 18 0.61 -1.27 -10.29
CA PRO A 18 0.88 -1.79 -11.61
C PRO A 18 1.82 -0.86 -12.39
N HIS A 19 1.47 0.42 -12.36
CA HIS A 19 2.27 1.42 -13.05
C HIS A 19 3.74 1.28 -12.65
N ASP A 20 3.95 0.65 -11.50
CA ASP A 20 5.29 0.45 -10.99
C ASP A 20 5.96 -0.69 -11.77
N GLU A 21 7.14 -0.41 -12.28
CA GLU A 21 7.89 -1.39 -13.05
C GLU A 21 8.58 -2.38 -12.10
N PHE A 22 8.73 -1.95 -10.86
CA PHE A 22 9.37 -2.79 -9.86
C PHE A 22 8.32 -3.56 -9.04
N PHE A 23 7.08 -3.46 -9.49
CA PHE A 23 5.99 -4.14 -8.81
C PHE A 23 5.92 -5.61 -9.23
N GLN A 24 5.88 -6.48 -8.23
CA GLN A 24 5.80 -7.90 -8.47
C GLN A 24 4.35 -8.37 -8.49
N PRO A 25 4.10 -9.49 -9.23
CA PRO A 25 2.76 -10.03 -9.33
C PRO A 25 2.36 -10.76 -8.05
N LYS A 26 1.26 -10.30 -7.47
CA LYS A 26 0.76 -10.90 -6.24
C LYS A 26 -0.31 -9.99 -5.64
N PRO A 27 0.07 -8.69 -5.46
CA PRO A 27 -0.84 -7.71 -4.90
C PRO A 27 -1.91 -7.30 -5.93
N GLU A 28 -2.92 -6.61 -5.43
CA GLU A 28 -4.01 -6.15 -6.29
C GLU A 28 -4.43 -4.73 -5.90
N PHE A 29 -4.89 -3.99 -6.90
CA PHE A 29 -5.32 -2.62 -6.68
C PHE A 29 -6.65 -2.35 -7.40
N GLN A 30 -7.56 -1.73 -6.67
CA GLN A 30 -8.86 -1.41 -7.23
C GLN A 30 -9.37 -0.08 -6.65
N PHE A 31 -9.84 0.77 -7.55
CA PHE A 31 -10.35 2.07 -7.15
C PHE A 31 -11.84 2.20 -7.49
N LYS A 32 -12.58 2.76 -6.54
CA LYS A 32 -14.01 2.95 -6.72
C LYS A 32 -14.34 4.44 -6.65
N PRO A 33 -14.69 5.02 -7.83
CA PRO A 33 -15.03 6.43 -7.91
C PRO A 33 -16.42 6.69 -7.32
N VAL A 34 -16.46 7.62 -6.37
CA VAL A 34 -17.71 7.98 -5.73
C VAL A 34 -17.82 9.50 -5.65
N ASP A 35 -19.02 9.95 -5.32
CA ASP A 35 -19.28 11.38 -5.21
C ASP A 35 -18.43 11.96 -4.07
N GLU A 36 -18.35 13.28 -4.04
CA GLU A 36 -17.58 13.97 -3.02
C GLU A 36 -18.16 13.67 -1.64
N PHE A 37 -19.34 13.10 -1.63
CA PHE A 37 -20.01 12.76 -0.39
C PHE A 37 -19.29 11.61 0.32
N GLY A 38 -18.29 11.07 -0.37
CA GLY A 38 -17.52 9.96 0.18
C GLY A 38 -16.23 9.74 -0.62
N GLY A 39 -15.68 10.84 -1.10
CA GLY A 39 -14.46 10.78 -1.87
C GLY A 39 -14.43 9.54 -2.77
N THR A 40 -13.39 8.75 -2.61
CA THR A 40 -13.23 7.54 -3.39
C THR A 40 -12.99 6.33 -2.47
N ILE A 41 -13.40 5.18 -2.95
CA ILE A 41 -13.24 3.95 -2.18
C ILE A 41 -12.05 3.16 -2.75
N CYS A 42 -11.07 2.95 -1.89
CA CYS A 42 -9.88 2.20 -2.28
C CYS A 42 -10.07 0.74 -1.88
N ARG A 43 -9.87 -0.14 -2.85
CA ARG A 43 -10.01 -1.56 -2.61
C ARG A 43 -8.71 -2.29 -2.93
N ILE A 44 -8.04 -2.75 -1.88
CA ILE A 44 -6.79 -3.47 -2.04
C ILE A 44 -6.94 -4.88 -1.47
N THR A 45 -6.40 -5.83 -2.23
CA THR A 45 -6.47 -7.23 -1.82
C THR A 45 -5.16 -7.94 -2.15
N LEU A 46 -4.60 -8.60 -1.15
CA LEU A 46 -3.36 -9.33 -1.32
C LEU A 46 -3.66 -10.79 -1.63
N PRO A 47 -2.62 -11.51 -2.12
CA PRO A 47 -2.76 -12.93 -2.46
C PRO A 47 -2.82 -13.79 -1.20
N ALA A 48 -3.29 -15.01 -1.38
CA ALA A 48 -3.40 -15.94 -0.27
C ALA A 48 -2.04 -16.06 0.43
N ASN A 49 -1.00 -15.66 -0.29
CA ASN A 49 0.35 -15.71 0.24
C ASN A 49 0.47 -14.71 1.38
N ALA A 50 -0.48 -13.78 1.43
CA ALA A 50 -0.48 -12.76 2.46
C ALA A 50 -1.76 -12.89 3.30
N PRO A 51 -1.59 -12.67 4.62
CA PRO A 51 -2.72 -12.75 5.54
C PRO A 51 -3.63 -11.52 5.41
N ILE A 52 -3.20 -10.44 6.05
CA ILE A 52 -3.96 -9.20 6.01
C ILE A 52 -3.27 -8.22 5.07
N SER A 53 -3.97 -7.13 4.79
CA SER A 53 -3.44 -6.10 3.91
C SER A 53 -4.58 -5.41 3.15
N GLU A 54 -5.72 -6.07 3.16
CA GLU A 54 -6.89 -5.53 2.48
C GLU A 54 -7.40 -4.30 3.22
N ILE A 55 -7.74 -3.28 2.44
CA ILE A 55 -8.24 -2.04 3.00
C ILE A 55 -9.32 -1.46 2.07
N GLU A 56 -10.54 -1.45 2.57
CA GLU A 56 -11.66 -0.92 1.80
C GLU A 56 -12.39 0.15 2.60
N SER A 57 -12.26 1.39 2.15
CA SER A 57 -12.91 2.51 2.81
C SER A 57 -12.43 3.83 2.20
N SER A 58 -13.38 4.74 2.04
CA SER A 58 -13.07 6.04 1.47
C SER A 58 -12.39 6.93 2.52
N LEU A 59 -11.83 8.03 2.04
CA LEU A 59 -11.16 8.96 2.93
C LEU A 59 -10.64 10.15 2.10
N LEU A 60 -10.23 9.85 0.88
CA LEU A 60 -9.72 10.88 -0.02
C LEU A 60 -10.62 10.96 -1.25
N PRO A 61 -10.85 12.23 -1.70
CA PRO A 61 -11.68 12.46 -2.87
C PRO A 61 -10.94 12.11 -4.16
N SER A 62 -9.72 11.62 -3.98
CA SER A 62 -8.90 11.24 -5.12
C SER A 62 -8.56 9.76 -5.04
N THR A 63 -8.44 9.15 -6.21
CA THR A 63 -8.12 7.74 -6.29
C THR A 63 -6.66 7.49 -5.88
N GLU A 64 -5.78 8.32 -6.41
CA GLU A 64 -4.37 8.20 -6.11
C GLU A 64 -4.13 8.32 -4.61
N ALA A 65 -4.84 9.26 -4.00
CA ALA A 65 -4.73 9.48 -2.57
C ALA A 65 -5.52 8.40 -1.82
N ALA A 66 -6.76 8.22 -2.26
CA ALA A 66 -7.63 7.23 -1.65
C ALA A 66 -6.88 5.89 -1.53
N LYS A 67 -6.14 5.58 -2.58
CA LYS A 67 -5.37 4.34 -2.62
C LYS A 67 -4.23 4.44 -1.60
N LYS A 68 -3.68 5.63 -1.48
CA LYS A 68 -2.58 5.86 -0.56
C LYS A 68 -3.04 5.53 0.86
N ASP A 69 -4.31 5.82 1.12
CA ASP A 69 -4.88 5.56 2.43
C ASP A 69 -4.87 4.05 2.70
N ALA A 70 -5.62 3.33 1.88
CA ALA A 70 -5.70 1.88 2.01
C ALA A 70 -4.29 1.29 1.94
N CYS A 71 -3.46 1.91 1.11
CA CYS A 71 -2.10 1.45 0.95
C CYS A 71 -1.35 1.66 2.26
N LEU A 72 -1.52 2.86 2.80
CA LEU A 72 -0.88 3.21 4.05
C LEU A 72 -1.44 2.34 5.18
N LYS A 73 -2.76 2.24 5.20
CA LYS A 73 -3.43 1.44 6.22
C LYS A 73 -3.05 -0.03 6.04
N ALA A 74 -2.83 -0.41 4.79
CA ALA A 74 -2.45 -1.77 4.47
C ALA A 74 -1.09 -2.07 5.10
N VAL A 75 -0.18 -1.12 4.97
CA VAL A 75 1.16 -1.28 5.52
C VAL A 75 1.06 -1.53 7.02
N HIS A 76 0.25 -0.70 7.68
CA HIS A 76 0.07 -0.81 9.11
C HIS A 76 -0.51 -2.19 9.45
N GLU A 77 -1.54 -2.56 8.70
CA GLU A 77 -2.20 -3.84 8.90
C GLU A 77 -1.18 -4.98 8.76
N LEU A 78 -0.18 -4.74 7.91
CA LEU A 78 0.85 -5.74 7.68
C LEU A 78 1.97 -5.55 8.69
N HIS A 79 2.14 -4.30 9.12
CA HIS A 79 3.17 -3.97 10.09
C HIS A 79 2.76 -4.50 11.47
N ASN A 80 1.51 -4.23 11.83
CA ASN A 80 0.98 -4.67 13.11
C ASN A 80 1.11 -6.18 13.21
N LEU A 81 0.91 -6.84 12.08
CA LEU A 81 1.00 -8.30 12.04
C LEU A 81 2.40 -8.70 11.59
N GLY A 82 2.63 -8.59 10.29
CA GLY A 82 3.93 -8.93 9.72
C GLY A 82 4.29 -10.39 10.05
N VAL A 83 3.45 -11.29 9.58
CA VAL A 83 3.67 -12.72 9.81
C VAL A 83 4.14 -13.37 8.51
N LEU A 84 4.01 -12.63 7.43
CA LEU A 84 4.41 -13.12 6.12
C LEU A 84 5.57 -12.27 5.60
N ASN A 85 6.36 -11.75 6.53
CA ASN A 85 7.49 -10.91 6.18
C ASN A 85 8.45 -11.72 5.29
N ASP A 86 8.25 -13.03 5.30
CA ASP A 86 9.09 -13.92 4.51
C ASP A 86 8.62 -13.88 3.05
N PHE A 87 7.37 -13.48 2.87
CA PHE A 87 6.80 -13.39 1.54
C PHE A 87 7.07 -12.03 0.91
N LEU A 88 7.32 -11.05 1.77
CA LEU A 88 7.59 -9.70 1.32
C LEU A 88 9.08 -9.41 1.50
N LEU A 89 9.57 -8.48 0.66
CA LEU A 89 10.97 -8.10 0.72
C LEU A 89 11.25 -7.42 2.06
N PRO A 90 12.36 -7.85 2.71
CA PRO A 90 12.75 -7.29 3.99
C PRO A 90 13.36 -5.90 3.81
N ASP A 91 14.09 -5.48 4.84
CA ASP A 91 14.74 -4.17 4.81
C ASP A 91 15.75 -4.14 3.67
N SER A 92 16.14 -5.33 3.23
CA SER A 92 17.11 -5.45 2.15
C SER A 92 16.63 -4.68 0.93
N LYS A 93 15.35 -4.83 0.63
CA LYS A 93 14.76 -4.16 -0.51
C LYS A 93 14.37 -2.73 -0.11
N ASP A 94 14.36 -2.50 1.20
CA ASP A 94 14.02 -1.19 1.73
C ASP A 94 15.22 -0.25 1.59
N GLU A 95 16.34 -0.85 1.19
CA GLU A 95 17.56 -0.08 1.00
C GLU A 95 17.43 0.86 -0.20
N ILE A 96 16.45 1.75 -0.11
CA ILE A 96 16.21 2.71 -1.17
C ILE A 96 15.73 4.03 -0.55
N GLU A 97 15.63 5.03 -1.41
CA GLU A 97 15.20 6.35 -0.97
C GLU A 97 13.69 6.35 -0.68
N ASP A 98 13.29 7.23 0.22
CA ASP A 98 11.89 7.34 0.59
C ASP A 98 11.07 7.69 -0.64
N GLU A 99 11.64 8.55 -1.47
CA GLU A 99 10.97 8.98 -2.69
C GLU A 99 11.06 7.89 -3.75
N LEU A 100 12.19 7.20 -3.76
CA LEU A 100 12.41 6.13 -4.72
C LEU A 100 11.31 5.08 -4.57
N SER A 101 11.08 4.68 -3.33
CA SER A 101 10.06 3.68 -3.04
C SER A 101 8.71 4.14 -3.60
N ASP A 102 7.76 3.22 -3.57
CA ASP A 102 6.42 3.51 -4.08
C ASP A 102 6.51 3.89 -5.56
N ILE A 1 19.74 9.33 8.33
CA ILE A 1 18.52 8.88 7.69
C ILE A 1 17.35 9.71 8.22
N SER A 2 16.75 10.47 7.32
CA SER A 2 15.62 11.31 7.68
C SER A 2 14.69 11.48 6.48
N GLY A 3 13.52 12.05 6.75
CA GLY A 3 12.54 12.28 5.70
C GLY A 3 11.23 11.53 6.01
N GLY A 4 11.33 10.22 6.06
CA GLY A 4 10.18 9.38 6.34
C GLY A 4 10.58 7.90 6.41
N SER A 5 11.05 7.50 7.58
CA SER A 5 11.46 6.13 7.78
C SER A 5 10.23 5.21 7.82
N SER A 6 9.15 5.74 8.37
CA SER A 6 7.91 4.99 8.48
C SER A 6 7.41 4.62 7.08
N ILE A 7 7.69 5.51 6.12
CA ILE A 7 7.28 5.28 4.76
C ILE A 7 8.02 4.07 4.19
N SER A 8 9.26 3.92 4.61
CA SER A 8 10.09 2.82 4.15
C SER A 8 9.24 1.54 4.08
N MET A 9 8.25 1.47 4.97
CA MET A 9 7.38 0.31 5.02
C MET A 9 6.09 0.57 4.23
N MET A 10 5.62 1.80 4.32
CA MET A 10 4.40 2.19 3.63
C MET A 10 4.61 2.19 2.12
N TYR A 11 5.84 2.47 1.72
CA TYR A 11 6.18 2.50 0.31
C TYR A 11 6.12 1.10 -0.31
N LYS A 12 6.83 0.18 0.33
CA LYS A 12 6.86 -1.19 -0.14
C LYS A 12 5.48 -1.59 -0.66
N TYR A 13 4.46 -1.08 0.02
CA TYR A 13 3.09 -1.37 -0.37
C TYR A 13 2.68 -0.56 -1.60
N CYS A 14 3.04 0.72 -1.58
CA CYS A 14 2.72 1.61 -2.68
C CYS A 14 3.50 1.15 -3.91
N SER A 15 4.74 0.76 -3.67
CA SER A 15 5.60 0.30 -4.75
C SER A 15 4.86 -0.73 -5.60
N ARG A 16 3.85 -1.33 -5.00
CA ARG A 16 3.05 -2.34 -5.68
C ARG A 16 2.21 -1.69 -6.78
N LEU A 17 2.32 -0.37 -6.86
CA LEU A 17 1.58 0.38 -7.86
C LEU A 17 2.07 -0.02 -9.26
N PRO A 18 1.21 0.28 -10.27
CA PRO A 18 1.54 -0.04 -11.65
C PRO A 18 2.59 0.92 -12.21
N HIS A 19 3.13 0.56 -13.36
CA HIS A 19 4.14 1.38 -14.00
C HIS A 19 5.33 1.55 -13.06
N ASP A 20 5.36 0.72 -12.04
CA ASP A 20 6.44 0.75 -11.06
C ASP A 20 7.42 -0.38 -11.35
N GLU A 21 8.70 -0.05 -11.26
CA GLU A 21 9.75 -1.02 -11.50
C GLU A 21 9.92 -1.94 -10.29
N PHE A 22 9.75 -1.35 -9.12
CA PHE A 22 9.88 -2.08 -7.88
C PHE A 22 8.59 -2.85 -7.55
N PHE A 23 7.67 -2.84 -8.52
CA PHE A 23 6.40 -3.52 -8.34
C PHE A 23 6.49 -4.96 -8.83
N GLN A 24 6.08 -5.87 -7.95
CA GLN A 24 6.11 -7.28 -8.27
C GLN A 24 4.69 -7.82 -8.42
N PRO A 25 4.56 -8.91 -9.24
CA PRO A 25 3.26 -9.53 -9.47
C PRO A 25 2.82 -10.34 -8.26
N LYS A 26 1.68 -9.95 -7.71
CA LYS A 26 1.13 -10.63 -6.55
C LYS A 26 0.03 -9.78 -5.92
N PRO A 27 0.40 -8.50 -5.64
CA PRO A 27 -0.53 -7.57 -5.04
C PRO A 27 -1.56 -7.08 -6.07
N GLU A 28 -2.65 -6.52 -5.56
CA GLU A 28 -3.70 -6.02 -6.42
C GLU A 28 -4.30 -4.74 -5.84
N PHE A 29 -4.52 -3.77 -6.72
CA PHE A 29 -5.08 -2.49 -6.30
C PHE A 29 -6.17 -2.04 -7.26
N GLN A 30 -7.28 -1.58 -6.69
CA GLN A 30 -8.39 -1.11 -7.48
C GLN A 30 -9.11 0.04 -6.76
N PHE A 31 -9.56 1.01 -7.56
CA PHE A 31 -10.25 2.15 -7.01
C PHE A 31 -11.70 2.20 -7.50
N LYS A 32 -12.60 2.53 -6.58
CA LYS A 32 -14.01 2.62 -6.90
C LYS A 32 -14.44 4.08 -6.90
N PRO A 33 -14.81 4.57 -8.11
CA PRO A 33 -15.24 5.95 -8.25
C PRO A 33 -16.66 6.13 -7.72
N VAL A 34 -16.74 6.68 -6.51
CA VAL A 34 -18.03 6.92 -5.88
C VAL A 34 -18.41 8.40 -6.03
N ASP A 35 -19.65 8.70 -5.70
CA ASP A 35 -20.14 10.06 -5.79
C ASP A 35 -19.36 10.95 -4.82
N GLU A 36 -19.49 12.25 -5.04
CA GLU A 36 -18.80 13.21 -4.20
C GLU A 36 -19.32 13.13 -2.77
N PHE A 37 -20.41 12.41 -2.61
CA PHE A 37 -21.02 12.25 -1.29
C PHE A 37 -20.38 11.08 -0.53
N GLY A 38 -19.22 10.67 -1.02
CA GLY A 38 -18.49 9.57 -0.40
C GLY A 38 -17.11 9.38 -1.04
N GLY A 39 -16.55 10.50 -1.48
CA GLY A 39 -15.24 10.47 -2.11
C GLY A 39 -15.08 9.21 -2.96
N THR A 40 -13.93 8.57 -2.77
CA THR A 40 -13.62 7.34 -3.51
C THR A 40 -13.09 6.27 -2.56
N ILE A 41 -13.41 5.02 -2.89
CA ILE A 41 -12.97 3.90 -2.09
C ILE A 41 -11.92 3.10 -2.86
N CYS A 42 -10.85 2.75 -2.16
CA CYS A 42 -9.78 1.98 -2.77
C CYS A 42 -9.88 0.54 -2.29
N ARG A 43 -9.86 -0.37 -3.25
CA ARG A 43 -9.95 -1.79 -2.93
C ARG A 43 -8.60 -2.47 -3.14
N ILE A 44 -7.97 -2.83 -2.03
CA ILE A 44 -6.68 -3.49 -2.08
C ILE A 44 -6.80 -4.89 -1.47
N THR A 45 -6.17 -5.84 -2.14
CA THR A 45 -6.20 -7.22 -1.68
C THR A 45 -4.88 -7.91 -1.98
N LEU A 46 -4.23 -8.38 -0.93
CA LEU A 46 -2.95 -9.06 -1.06
C LEU A 46 -3.19 -10.54 -1.35
N PRO A 47 -2.10 -11.24 -1.75
CA PRO A 47 -2.18 -12.65 -2.06
C PRO A 47 -2.29 -13.49 -0.79
N ALA A 48 -2.62 -14.76 -0.97
CA ALA A 48 -2.76 -15.66 0.15
C ALA A 48 -1.45 -15.70 0.94
N ASN A 49 -0.40 -15.21 0.30
CA ASN A 49 0.91 -15.18 0.92
C ASN A 49 0.89 -14.19 2.09
N ALA A 50 -0.10 -13.32 2.07
CA ALA A 50 -0.25 -12.31 3.11
C ALA A 50 -1.60 -12.49 3.80
N PRO A 51 -1.58 -12.32 5.15
CA PRO A 51 -2.79 -12.47 5.94
C PRO A 51 -3.71 -11.25 5.76
N ILE A 52 -3.32 -10.16 6.40
CA ILE A 52 -4.11 -8.94 6.32
C ILE A 52 -3.38 -7.95 5.41
N SER A 53 -4.11 -6.91 5.02
CA SER A 53 -3.56 -5.89 4.14
C SER A 53 -4.67 -5.29 3.27
N GLU A 54 -5.76 -6.04 3.17
CA GLU A 54 -6.89 -5.59 2.37
C GLU A 54 -7.59 -4.41 3.06
N ILE A 55 -7.93 -3.42 2.25
CA ILE A 55 -8.60 -2.24 2.75
C ILE A 55 -9.55 -1.70 1.69
N GLU A 56 -10.82 -1.59 2.06
CA GLU A 56 -11.84 -1.10 1.15
C GLU A 56 -12.79 -0.15 1.88
N SER A 57 -12.82 1.09 1.42
CA SER A 57 -13.68 2.10 2.03
C SER A 57 -13.24 3.49 1.59
N SER A 58 -14.23 4.36 1.43
CA SER A 58 -13.96 5.74 1.02
C SER A 58 -13.40 6.54 2.20
N LEU A 59 -12.82 7.68 1.87
CA LEU A 59 -12.25 8.55 2.89
C LEU A 59 -11.74 9.83 2.23
N LEU A 60 -11.20 9.67 1.03
CA LEU A 60 -10.67 10.81 0.29
C LEU A 60 -11.52 11.02 -0.97
N PRO A 61 -11.70 12.32 -1.32
CA PRO A 61 -12.48 12.68 -2.48
C PRO A 61 -11.69 12.41 -3.78
N SER A 62 -10.50 11.86 -3.59
CA SER A 62 -9.65 11.56 -4.73
C SER A 62 -9.20 10.09 -4.66
N THR A 63 -9.07 9.49 -5.84
CA THR A 63 -8.65 8.11 -5.93
C THR A 63 -7.17 7.97 -5.58
N GLU A 64 -6.39 8.93 -6.05
CA GLU A 64 -4.96 8.93 -5.79
C GLU A 64 -4.70 8.93 -4.28
N ALA A 65 -5.45 9.77 -3.58
CA ALA A 65 -5.30 9.88 -2.14
C ALA A 65 -6.03 8.71 -1.47
N ALA A 66 -7.27 8.50 -1.90
CA ALA A 66 -8.09 7.43 -1.35
C ALA A 66 -7.29 6.13 -1.38
N LYS A 67 -6.57 5.93 -2.48
CA LYS A 67 -5.76 4.73 -2.64
C LYS A 67 -4.63 4.75 -1.61
N LYS A 68 -4.12 5.94 -1.35
CA LYS A 68 -3.05 6.10 -0.39
C LYS A 68 -3.57 5.77 1.02
N ASP A 69 -4.83 6.10 1.24
CA ASP A 69 -5.45 5.85 2.52
C ASP A 69 -5.47 4.35 2.80
N ALA A 70 -6.20 3.63 1.95
CA ALA A 70 -6.30 2.19 2.09
C ALA A 70 -4.90 1.57 2.03
N CYS A 71 -4.07 2.15 1.19
CA CYS A 71 -2.70 1.68 1.03
C CYS A 71 -1.96 1.90 2.36
N LEU A 72 -2.12 3.10 2.89
CA LEU A 72 -1.47 3.45 4.16
C LEU A 72 -2.10 2.63 5.28
N LYS A 73 -3.42 2.60 5.29
CA LYS A 73 -4.15 1.86 6.31
C LYS A 73 -3.79 0.38 6.20
N ALA A 74 -3.54 -0.06 4.98
CA ALA A 74 -3.19 -1.44 4.73
C ALA A 74 -1.83 -1.74 5.37
N VAL A 75 -0.88 -0.84 5.13
CA VAL A 75 0.45 -0.99 5.67
C VAL A 75 0.37 -1.14 7.18
N HIS A 76 -0.51 -0.34 7.78
CA HIS A 76 -0.70 -0.38 9.21
C HIS A 76 -1.15 -1.78 9.65
N GLU A 77 -2.14 -2.29 8.92
CA GLU A 77 -2.67 -3.61 9.21
C GLU A 77 -1.57 -4.65 9.14
N LEU A 78 -0.60 -4.40 8.26
CA LEU A 78 0.51 -5.31 8.08
C LEU A 78 1.60 -4.98 9.10
N HIS A 79 1.69 -3.70 9.43
CA HIS A 79 2.67 -3.25 10.40
C HIS A 79 2.29 -3.70 11.80
N ASN A 80 1.02 -3.50 12.12
CA ASN A 80 0.51 -3.88 13.43
C ASN A 80 0.66 -5.39 13.60
N LEU A 81 0.50 -6.11 12.49
CA LEU A 81 0.63 -7.56 12.51
C LEU A 81 2.06 -7.95 12.18
N GLY A 82 2.38 -7.91 10.89
CA GLY A 82 3.71 -8.25 10.43
C GLY A 82 4.10 -9.65 10.91
N VAL A 83 3.33 -10.62 10.47
CA VAL A 83 3.59 -12.01 10.84
C VAL A 83 3.96 -12.81 9.60
N LEU A 84 3.81 -12.15 8.45
CA LEU A 84 4.12 -12.80 7.18
C LEU A 84 5.31 -12.09 6.54
N ASN A 85 6.18 -11.56 7.39
CA ASN A 85 7.36 -10.86 6.92
C ASN A 85 8.13 -11.77 5.97
N ASP A 86 7.87 -13.05 6.07
CA ASP A 86 8.53 -14.03 5.22
C ASP A 86 8.14 -13.78 3.76
N PHE A 87 7.02 -13.11 3.59
CA PHE A 87 6.53 -12.80 2.26
C PHE A 87 7.01 -11.42 1.80
N LEU A 88 7.50 -10.65 2.77
CA LEU A 88 7.99 -9.31 2.48
C LEU A 88 9.45 -9.42 2.01
N LEU A 89 9.86 -8.42 1.22
CA LEU A 89 11.21 -8.39 0.72
C LEU A 89 12.19 -8.21 1.88
N PRO A 90 13.47 -8.56 1.60
CA PRO A 90 14.51 -8.45 2.62
C PRO A 90 14.92 -6.99 2.82
N ASP A 91 16.08 -6.82 3.43
CA ASP A 91 16.60 -5.48 3.69
C ASP A 91 17.14 -4.89 2.40
N SER A 92 17.42 -5.76 1.44
CA SER A 92 17.94 -5.33 0.16
C SER A 92 16.97 -4.34 -0.49
N LYS A 93 15.69 -4.59 -0.29
CA LYS A 93 14.67 -3.73 -0.85
C LYS A 93 14.47 -2.52 0.07
N ASP A 94 15.16 -2.56 1.20
CA ASP A 94 15.07 -1.48 2.17
C ASP A 94 15.75 -0.23 1.59
N GLU A 95 16.52 -0.46 0.54
CA GLU A 95 17.23 0.64 -0.11
C GLU A 95 16.26 1.49 -0.93
N ILE A 96 15.27 2.03 -0.25
CA ILE A 96 14.27 2.86 -0.90
C ILE A 96 14.23 4.23 -0.22
N GLU A 97 13.48 5.14 -0.83
CA GLU A 97 13.34 6.48 -0.30
C GLU A 97 11.88 6.79 0.00
N ASP A 98 11.67 7.67 0.97
CA ASP A 98 10.32 8.06 1.35
C ASP A 98 9.66 8.80 0.19
N GLU A 99 10.47 9.58 -0.51
CA GLU A 99 9.97 10.35 -1.64
C GLU A 99 9.77 9.43 -2.84
N LEU A 100 10.61 8.42 -2.94
CA LEU A 100 10.54 7.47 -4.04
C LEU A 100 9.32 6.57 -3.83
N SER A 101 8.64 6.77 -2.71
CA SER A 101 7.47 5.99 -2.38
C SER A 101 6.45 6.07 -3.53
N ASP A 102 5.75 4.96 -3.74
CA ASP A 102 4.76 4.89 -4.80
C ASP A 102 5.44 5.12 -6.14
N ILE A 1 18.90 3.75 1.88
CA ILE A 1 19.10 3.74 3.33
C ILE A 1 18.86 5.15 3.87
N SER A 2 18.04 5.21 4.91
CA SER A 2 17.72 6.47 5.54
C SER A 2 16.77 7.28 4.64
N GLY A 3 15.89 8.03 5.29
CA GLY A 3 14.93 8.85 4.58
C GLY A 3 13.49 8.49 4.97
N GLY A 4 12.87 9.40 5.69
CA GLY A 4 11.50 9.17 6.14
C GLY A 4 11.29 7.73 6.60
N SER A 5 11.46 7.52 7.89
CA SER A 5 11.30 6.20 8.46
C SER A 5 9.82 5.81 8.47
N SER A 6 8.98 6.80 8.72
CA SER A 6 7.54 6.57 8.75
C SER A 6 7.06 6.09 7.39
N ILE A 7 7.70 6.62 6.35
CA ILE A 7 7.34 6.26 4.99
C ILE A 7 7.73 4.81 4.73
N SER A 8 8.81 4.39 5.38
CA SER A 8 9.31 3.04 5.23
C SER A 8 8.13 2.06 5.13
N MET A 9 7.05 2.42 5.80
CA MET A 9 5.85 1.59 5.80
C MET A 9 4.87 2.07 4.71
N MET A 10 4.57 3.36 4.75
CA MET A 10 3.65 3.93 3.79
C MET A 10 4.16 3.76 2.36
N TYR A 11 5.47 3.54 2.26
CA TYR A 11 6.09 3.35 0.97
C TYR A 11 5.71 2.01 0.36
N LYS A 12 5.93 0.96 1.13
CA LYS A 12 5.61 -0.39 0.68
C LYS A 12 4.32 -0.36 -0.14
N TYR A 13 3.34 0.38 0.37
CA TYR A 13 2.07 0.50 -0.32
C TYR A 13 2.25 1.03 -1.74
N CYS A 14 2.94 2.16 -1.83
CA CYS A 14 3.19 2.77 -3.12
C CYS A 14 3.93 1.76 -4.01
N SER A 15 4.87 1.05 -3.38
CA SER A 15 5.65 0.06 -4.11
C SER A 15 4.70 -0.91 -4.84
N ARG A 16 3.45 -0.91 -4.39
CA ARG A 16 2.45 -1.78 -4.99
C ARG A 16 1.99 -1.21 -6.33
N LEU A 17 2.63 -0.12 -6.73
CA LEU A 17 2.30 0.53 -7.99
C LEU A 17 2.44 -0.48 -9.12
N PRO A 18 1.28 -0.80 -9.77
CA PRO A 18 1.25 -1.73 -10.87
C PRO A 18 1.82 -1.10 -12.15
N HIS A 19 2.47 -1.93 -12.95
CA HIS A 19 3.06 -1.46 -14.18
C HIS A 19 4.47 -0.93 -13.92
N ASP A 20 4.73 -0.66 -12.65
CA ASP A 20 6.04 -0.16 -12.25
C ASP A 20 7.03 -1.31 -12.17
N GLU A 21 8.12 -1.17 -12.90
CA GLU A 21 9.16 -2.20 -12.93
C GLU A 21 9.67 -2.45 -11.51
N PHE A 22 9.52 -1.44 -10.67
CA PHE A 22 9.96 -1.54 -9.29
C PHE A 22 8.90 -2.23 -8.42
N PHE A 23 7.88 -2.73 -9.08
CA PHE A 23 6.80 -3.42 -8.39
C PHE A 23 6.66 -4.86 -8.88
N GLN A 24 6.55 -5.76 -7.91
CA GLN A 24 6.41 -7.17 -8.22
C GLN A 24 4.94 -7.56 -8.33
N PRO A 25 4.66 -8.58 -9.18
CA PRO A 25 3.31 -9.05 -9.39
C PRO A 25 2.81 -9.86 -8.20
N LYS A 26 1.76 -9.36 -7.56
CA LYS A 26 1.20 -10.03 -6.41
C LYS A 26 0.06 -9.17 -5.83
N PRO A 27 0.43 -7.92 -5.47
CA PRO A 27 -0.55 -6.99 -4.91
C PRO A 27 -1.48 -6.45 -6.00
N GLU A 28 -2.70 -6.15 -5.59
CA GLU A 28 -3.70 -5.62 -6.51
C GLU A 28 -4.52 -4.53 -5.83
N PHE A 29 -4.72 -3.44 -6.56
CA PHE A 29 -5.48 -2.32 -6.05
C PHE A 29 -6.48 -1.81 -7.10
N GLN A 30 -7.64 -1.39 -6.61
CA GLN A 30 -8.67 -0.87 -7.49
C GLN A 30 -9.40 0.29 -6.82
N PHE A 31 -9.63 1.34 -7.60
CA PHE A 31 -10.32 2.51 -7.10
C PHE A 31 -11.64 2.72 -7.83
N LYS A 32 -12.65 3.10 -7.06
CA LYS A 32 -13.97 3.34 -7.62
C LYS A 32 -14.29 4.84 -7.57
N PRO A 33 -14.32 5.46 -8.78
CA PRO A 33 -14.61 6.88 -8.88
C PRO A 33 -16.09 7.16 -8.65
N VAL A 34 -16.43 7.36 -7.39
CA VAL A 34 -17.81 7.65 -7.03
C VAL A 34 -17.99 9.15 -6.84
N ASP A 35 -19.25 9.57 -6.82
CA ASP A 35 -19.57 10.97 -6.65
C ASP A 35 -19.05 11.45 -5.29
N GLU A 36 -18.86 12.77 -5.21
CA GLU A 36 -18.36 13.36 -3.98
C GLU A 36 -19.41 13.22 -2.86
N PHE A 37 -20.59 12.78 -3.26
CA PHE A 37 -21.68 12.60 -2.31
C PHE A 37 -21.30 11.59 -1.22
N GLY A 38 -20.17 10.93 -1.45
CA GLY A 38 -19.69 9.94 -0.50
C GLY A 38 -18.15 9.90 -0.50
N GLY A 39 -17.58 9.95 -1.69
CA GLY A 39 -16.13 9.92 -1.82
C GLY A 39 -15.70 8.88 -2.85
N THR A 40 -14.56 8.27 -2.57
CA THR A 40 -14.03 7.25 -3.47
C THR A 40 -13.86 5.92 -2.73
N ILE A 41 -14.20 4.84 -3.42
CA ILE A 41 -14.11 3.51 -2.83
C ILE A 41 -12.90 2.80 -3.42
N CYS A 42 -11.98 2.43 -2.55
CA CYS A 42 -10.78 1.73 -2.97
C CYS A 42 -10.92 0.25 -2.61
N ARG A 43 -10.18 -0.58 -3.33
CA ARG A 43 -10.22 -2.01 -3.10
C ARG A 43 -8.83 -2.63 -3.32
N ILE A 44 -8.22 -3.02 -2.21
CA ILE A 44 -6.89 -3.61 -2.26
C ILE A 44 -6.96 -5.03 -1.67
N THR A 45 -6.32 -5.95 -2.37
CA THR A 45 -6.29 -7.33 -1.93
C THR A 45 -4.92 -7.96 -2.22
N LEU A 46 -4.27 -8.42 -1.16
CA LEU A 46 -2.97 -9.04 -1.29
C LEU A 46 -3.14 -10.53 -1.59
N PRO A 47 -2.03 -11.17 -2.03
CA PRO A 47 -2.05 -12.58 -2.36
C PRO A 47 -2.07 -13.43 -1.08
N ALA A 48 -2.35 -14.71 -1.27
CA ALA A 48 -2.41 -15.64 -0.15
C ALA A 48 -1.11 -15.54 0.65
N ASN A 49 -0.09 -15.02 0.01
CA ASN A 49 1.20 -14.86 0.65
C ASN A 49 1.10 -13.78 1.73
N ALA A 50 0.03 -13.00 1.64
CA ALA A 50 -0.21 -11.94 2.61
C ALA A 50 -1.53 -12.18 3.32
N PRO A 51 -1.47 -12.14 4.68
CA PRO A 51 -2.66 -12.36 5.49
C PRO A 51 -3.58 -11.12 5.46
N ILE A 52 -3.09 -10.06 6.07
CA ILE A 52 -3.86 -8.82 6.12
C ILE A 52 -3.24 -7.81 5.16
N SER A 53 -4.03 -6.81 4.80
CA SER A 53 -3.57 -5.77 3.89
C SER A 53 -4.74 -5.25 3.06
N GLU A 54 -5.82 -6.03 3.04
CA GLU A 54 -7.00 -5.65 2.30
C GLU A 54 -7.72 -4.48 2.98
N ILE A 55 -8.06 -3.49 2.18
CA ILE A 55 -8.75 -2.31 2.70
C ILE A 55 -9.67 -1.75 1.61
N GLU A 56 -10.95 -1.72 1.93
CA GLU A 56 -11.94 -1.21 0.99
C GLU A 56 -13.03 -0.44 1.73
N SER A 57 -13.29 0.77 1.28
CA SER A 57 -14.30 1.61 1.90
C SER A 57 -13.99 3.08 1.63
N SER A 58 -15.05 3.85 1.38
CA SER A 58 -14.91 5.27 1.11
C SER A 58 -14.57 6.01 2.40
N LEU A 59 -14.00 7.19 2.24
CA LEU A 59 -13.62 8.01 3.37
C LEU A 59 -13.06 9.34 2.88
N LEU A 60 -12.40 9.28 1.72
CA LEU A 60 -11.81 10.46 1.13
C LEU A 60 -12.56 10.82 -0.15
N PRO A 61 -12.78 12.14 -0.36
CA PRO A 61 -13.48 12.62 -1.53
C PRO A 61 -12.59 12.55 -2.77
N SER A 62 -11.38 12.04 -2.56
CA SER A 62 -10.43 11.90 -3.65
C SER A 62 -10.03 10.43 -3.81
N THR A 63 -9.74 10.07 -5.05
CA THR A 63 -9.33 8.70 -5.36
C THR A 63 -7.92 8.44 -4.84
N GLU A 64 -7.00 9.30 -5.23
CA GLU A 64 -5.62 9.19 -4.80
C GLU A 64 -5.54 9.06 -3.28
N ALA A 65 -6.37 9.84 -2.61
CA ALA A 65 -6.40 9.84 -1.16
C ALA A 65 -7.18 8.61 -0.67
N ALA A 66 -8.35 8.43 -1.27
CA ALA A 66 -9.20 7.31 -0.91
C ALA A 66 -8.41 6.01 -1.03
N LYS A 67 -7.72 5.87 -2.15
CA LYS A 67 -6.91 4.68 -2.39
C LYS A 67 -5.72 4.69 -1.45
N LYS A 68 -5.21 5.88 -1.18
CA LYS A 68 -4.07 6.03 -0.30
C LYS A 68 -4.48 5.66 1.12
N ASP A 69 -5.73 5.99 1.46
CA ASP A 69 -6.26 5.71 2.78
C ASP A 69 -6.24 4.19 3.01
N ALA A 70 -6.98 3.49 2.17
CA ALA A 70 -7.06 2.04 2.27
C ALA A 70 -5.66 1.45 2.17
N CYS A 71 -4.85 2.06 1.32
CA CYS A 71 -3.48 1.61 1.12
C CYS A 71 -2.71 1.81 2.42
N LEU A 72 -2.86 3.01 2.97
CA LEU A 72 -2.18 3.35 4.21
C LEU A 72 -2.68 2.44 5.32
N LYS A 73 -4.00 2.28 5.38
CA LYS A 73 -4.61 1.43 6.39
C LYS A 73 -4.06 0.01 6.27
N ALA A 74 -3.76 -0.36 5.04
CA ALA A 74 -3.22 -1.69 4.77
C ALA A 74 -1.79 -1.77 5.30
N VAL A 75 -1.08 -0.66 5.17
CA VAL A 75 0.29 -0.59 5.63
C VAL A 75 0.35 -0.95 7.11
N HIS A 76 -0.54 -0.32 7.87
CA HIS A 76 -0.61 -0.56 9.31
C HIS A 76 -0.99 -2.02 9.57
N GLU A 77 -2.00 -2.47 8.83
CA GLU A 77 -2.46 -3.84 8.97
C GLU A 77 -1.30 -4.82 8.79
N LEU A 78 -0.33 -4.39 7.99
CA LEU A 78 0.84 -5.22 7.72
C LEU A 78 1.93 -4.91 8.76
N HIS A 79 1.96 -3.66 9.17
CA HIS A 79 2.93 -3.21 10.16
C HIS A 79 2.57 -3.76 11.53
N ASN A 80 1.30 -3.59 11.88
CA ASN A 80 0.81 -4.07 13.17
C ASN A 80 0.99 -5.58 13.25
N LEU A 81 0.83 -6.24 12.11
CA LEU A 81 0.97 -7.68 12.04
C LEU A 81 2.42 -8.02 11.71
N GLY A 82 2.77 -7.83 10.44
CA GLY A 82 4.12 -8.12 9.98
C GLY A 82 4.50 -9.59 10.26
N VAL A 83 3.72 -10.49 9.68
CA VAL A 83 3.97 -11.90 9.86
C VAL A 83 4.39 -12.52 8.52
N LEU A 84 4.62 -11.65 7.55
CA LEU A 84 5.03 -12.10 6.23
C LEU A 84 6.42 -11.55 5.91
N ASN A 85 7.19 -11.36 6.98
CA ASN A 85 8.54 -10.85 6.85
C ASN A 85 9.34 -11.77 5.91
N ASP A 86 8.82 -12.98 5.76
CA ASP A 86 9.47 -13.96 4.91
C ASP A 86 9.11 -13.68 3.44
N PHE A 87 8.00 -12.97 3.27
CA PHE A 87 7.54 -12.64 1.93
C PHE A 87 8.01 -11.24 1.54
N LEU A 88 8.44 -10.49 2.53
CA LEU A 88 8.91 -9.13 2.30
C LEU A 88 10.40 -9.17 1.92
N LEU A 89 10.82 -8.18 1.15
CA LEU A 89 12.20 -8.09 0.72
C LEU A 89 13.10 -7.86 1.94
N PRO A 90 14.08 -8.78 2.11
CA PRO A 90 15.01 -8.68 3.23
C PRO A 90 16.03 -7.57 3.00
N ASP A 91 17.16 -7.95 2.41
CA ASP A 91 18.22 -7.01 2.12
C ASP A 91 17.81 -6.14 0.93
N SER A 92 16.91 -6.67 0.12
CA SER A 92 16.42 -5.96 -1.05
C SER A 92 15.78 -4.63 -0.63
N LYS A 93 14.97 -4.72 0.41
CA LYS A 93 14.27 -3.55 0.92
C LYS A 93 15.25 -2.70 1.73
N ASP A 94 16.48 -3.20 1.83
CA ASP A 94 17.52 -2.50 2.57
C ASP A 94 17.91 -1.23 1.82
N GLU A 95 17.42 -1.13 0.58
CA GLU A 95 17.72 0.02 -0.25
C GLU A 95 16.43 0.71 -0.66
N ILE A 96 15.74 1.26 0.34
CA ILE A 96 14.48 1.95 0.10
C ILE A 96 14.56 3.35 0.69
N GLU A 97 14.00 4.30 -0.05
CA GLU A 97 14.00 5.69 0.39
C GLU A 97 12.57 6.23 0.46
N ASP A 98 12.38 7.21 1.33
CA ASP A 98 11.07 7.80 1.50
C ASP A 98 10.62 8.44 0.17
N GLU A 99 11.58 9.08 -0.48
CA GLU A 99 11.30 9.72 -1.76
C GLU A 99 11.22 8.68 -2.88
N LEU A 100 12.04 7.64 -2.73
CA LEU A 100 12.08 6.58 -3.72
C LEU A 100 10.75 5.84 -3.71
N SER A 101 9.95 6.11 -2.68
CA SER A 101 8.66 5.48 -2.55
C SER A 101 7.83 5.69 -3.82
N ASP A 102 6.94 4.74 -4.07
CA ASP A 102 6.09 4.80 -5.25
C ASP A 102 6.96 4.76 -6.50
N ILE A 1 20.00 3.99 3.05
CA ILE A 1 20.75 4.12 4.30
C ILE A 1 19.81 4.60 5.41
N SER A 2 19.43 5.86 5.31
CA SER A 2 18.54 6.44 6.30
C SER A 2 17.65 7.50 5.63
N GLY A 3 16.49 7.73 6.25
CA GLY A 3 15.55 8.71 5.73
C GLY A 3 14.16 8.48 6.32
N GLY A 4 13.16 8.90 5.55
CA GLY A 4 11.78 8.76 5.98
C GLY A 4 11.49 7.32 6.43
N SER A 5 11.64 7.10 7.73
CA SER A 5 11.40 5.79 8.30
C SER A 5 9.92 5.45 8.23
N SER A 6 9.10 6.47 8.49
CA SER A 6 7.66 6.29 8.47
C SER A 6 7.22 5.77 7.10
N ILE A 7 7.92 6.24 6.07
CA ILE A 7 7.62 5.83 4.71
C ILE A 7 7.96 4.35 4.53
N SER A 8 8.99 3.93 5.25
CA SER A 8 9.44 2.54 5.18
C SER A 8 8.23 1.62 5.05
N MET A 9 7.12 2.05 5.62
CA MET A 9 5.89 1.26 5.57
C MET A 9 4.99 1.73 4.43
N MET A 10 4.74 3.03 4.42
CA MET A 10 3.89 3.63 3.39
C MET A 10 4.49 3.39 2.00
N TYR A 11 5.79 3.12 1.97
CA TYR A 11 6.48 2.89 0.72
C TYR A 11 6.03 1.57 0.10
N LYS A 12 6.19 0.50 0.85
CA LYS A 12 5.80 -0.83 0.38
C LYS A 12 4.52 -0.71 -0.44
N TYR A 13 3.59 0.07 0.08
CA TYR A 13 2.31 0.27 -0.58
C TYR A 13 2.52 0.77 -2.02
N CYS A 14 3.28 1.85 -2.13
CA CYS A 14 3.55 2.45 -3.42
C CYS A 14 4.32 1.42 -4.26
N SER A 15 5.27 0.77 -3.61
CA SER A 15 6.09 -0.24 -4.28
C SER A 15 5.19 -1.27 -4.94
N ARG A 16 3.94 -1.29 -4.51
CA ARG A 16 2.98 -2.23 -5.06
C ARG A 16 2.67 -1.89 -6.52
N LEU A 17 3.20 -0.75 -6.96
CA LEU A 17 2.99 -0.30 -8.31
C LEU A 17 3.50 -1.36 -9.28
N PRO A 18 2.55 -1.92 -10.08
CA PRO A 18 2.89 -2.96 -11.05
C PRO A 18 3.60 -2.35 -12.26
N HIS A 19 3.08 -1.21 -12.70
CA HIS A 19 3.65 -0.52 -13.84
C HIS A 19 5.15 -0.31 -13.63
N ASP A 20 5.54 -0.37 -12.36
CA ASP A 20 6.94 -0.18 -11.99
C ASP A 20 7.72 -1.45 -12.33
N GLU A 21 8.78 -1.27 -13.09
CA GLU A 21 9.63 -2.38 -13.49
C GLU A 21 10.50 -2.83 -12.32
N PHE A 22 10.94 -1.85 -11.55
CA PHE A 22 11.78 -2.13 -10.39
C PHE A 22 11.03 -2.94 -9.34
N PHE A 23 9.73 -3.07 -9.56
CA PHE A 23 8.89 -3.82 -8.65
C PHE A 23 8.04 -4.85 -9.39
N GLN A 24 8.08 -6.07 -8.88
CA GLN A 24 7.33 -7.16 -9.49
C GLN A 24 5.85 -7.06 -9.12
N PRO A 25 5.00 -7.63 -10.00
CA PRO A 25 3.56 -7.60 -9.78
C PRO A 25 3.16 -8.61 -8.69
N LYS A 26 1.96 -8.40 -8.17
CA LYS A 26 1.46 -9.28 -7.11
C LYS A 26 0.25 -8.62 -6.45
N PRO A 27 0.45 -7.35 -6.01
CA PRO A 27 -0.61 -6.60 -5.36
C PRO A 27 -1.64 -6.11 -6.37
N GLU A 28 -2.82 -5.78 -5.87
CA GLU A 28 -3.89 -5.30 -6.71
C GLU A 28 -4.64 -4.15 -6.02
N PHE A 29 -4.97 -3.14 -6.81
CA PHE A 29 -5.68 -1.99 -6.29
C PHE A 29 -6.85 -1.61 -7.21
N GLN A 30 -7.94 -1.21 -6.58
CA GLN A 30 -9.14 -0.82 -7.33
C GLN A 30 -9.86 0.32 -6.61
N PHE A 31 -10.43 1.20 -7.42
CA PHE A 31 -11.15 2.35 -6.88
C PHE A 31 -12.64 2.25 -7.19
N LYS A 32 -13.44 2.57 -6.18
CA LYS A 32 -14.89 2.52 -6.33
C LYS A 32 -15.45 3.95 -6.27
N PRO A 33 -15.94 4.43 -7.44
CA PRO A 33 -16.50 5.76 -7.52
C PRO A 33 -17.89 5.82 -6.88
N VAL A 34 -18.01 6.64 -5.84
CA VAL A 34 -19.27 6.78 -5.13
C VAL A 34 -19.66 8.27 -5.11
N ASP A 35 -20.90 8.50 -4.69
CA ASP A 35 -21.41 9.86 -4.62
C ASP A 35 -20.58 10.66 -3.61
N GLU A 36 -20.73 11.98 -3.69
CA GLU A 36 -20.01 12.87 -2.79
C GLU A 36 -20.44 12.62 -1.34
N PHE A 37 -21.50 11.85 -1.20
CA PHE A 37 -22.02 11.54 0.13
C PHE A 37 -21.20 10.43 0.78
N GLY A 38 -20.10 10.07 0.12
CA GLY A 38 -19.23 9.03 0.63
C GLY A 38 -17.91 8.99 -0.15
N GLY A 39 -17.46 10.17 -0.53
CA GLY A 39 -16.22 10.30 -1.28
C GLY A 39 -16.05 9.12 -2.24
N THR A 40 -14.90 8.46 -2.13
CA THR A 40 -14.60 7.34 -2.99
C THR A 40 -14.09 6.16 -2.15
N ILE A 41 -14.36 4.95 -2.65
CA ILE A 41 -13.93 3.75 -1.97
C ILE A 41 -12.74 3.13 -2.72
N CYS A 42 -11.85 2.52 -1.95
CA CYS A 42 -10.67 1.89 -2.54
C CYS A 42 -10.67 0.42 -2.13
N ARG A 43 -10.51 -0.44 -3.13
CA ARG A 43 -10.49 -1.87 -2.89
C ARG A 43 -9.09 -2.43 -3.15
N ILE A 44 -8.43 -2.79 -2.06
CA ILE A 44 -7.08 -3.33 -2.15
C ILE A 44 -7.07 -4.76 -1.59
N THR A 45 -6.36 -5.63 -2.29
CA THR A 45 -6.28 -7.02 -1.88
C THR A 45 -4.90 -7.59 -2.25
N LEU A 46 -4.14 -7.92 -1.21
CA LEU A 46 -2.81 -8.48 -1.42
C LEU A 46 -2.94 -9.96 -1.80
N PRO A 47 -1.81 -10.51 -2.33
CA PRO A 47 -1.78 -11.90 -2.73
C PRO A 47 -1.71 -12.83 -1.51
N ALA A 48 -1.84 -14.12 -1.79
CA ALA A 48 -1.79 -15.11 -0.73
C ALA A 48 -0.47 -14.96 0.04
N ASN A 49 0.47 -14.29 -0.60
CA ASN A 49 1.77 -14.08 0.01
C ASN A 49 1.62 -13.13 1.21
N ALA A 50 0.49 -12.46 1.24
CA ALA A 50 0.21 -11.52 2.31
C ALA A 50 -1.06 -11.95 3.05
N PRO A 51 -0.98 -11.94 4.40
CA PRO A 51 -2.12 -12.33 5.23
C PRO A 51 -3.18 -11.23 5.25
N ILE A 52 -2.75 -10.05 5.65
CA ILE A 52 -3.67 -8.91 5.72
C ILE A 52 -3.11 -7.77 4.88
N SER A 53 -3.96 -6.78 4.64
CA SER A 53 -3.57 -5.63 3.84
C SER A 53 -4.77 -5.12 3.03
N GLU A 54 -5.79 -5.96 2.96
CA GLU A 54 -6.99 -5.60 2.22
C GLU A 54 -7.72 -4.45 2.91
N ILE A 55 -8.19 -3.52 2.10
CA ILE A 55 -8.91 -2.37 2.63
C ILE A 55 -10.02 -1.98 1.65
N GLU A 56 -11.23 -1.88 2.19
CA GLU A 56 -12.38 -1.53 1.38
C GLU A 56 -13.31 -0.60 2.16
N SER A 57 -13.34 0.65 1.75
CA SER A 57 -14.18 1.64 2.40
C SER A 57 -13.73 3.04 2.01
N SER A 58 -14.71 3.89 1.75
CA SER A 58 -14.43 5.27 1.36
C SER A 58 -14.01 6.09 2.60
N LEU A 59 -13.53 7.29 2.34
CA LEU A 59 -13.10 8.17 3.42
C LEU A 59 -12.66 9.51 2.83
N LEU A 60 -12.10 9.43 1.63
CA LEU A 60 -11.63 10.63 0.94
C LEU A 60 -12.50 10.89 -0.29
N PRO A 61 -12.80 12.19 -0.52
CA PRO A 61 -13.63 12.59 -1.65
C PRO A 61 -12.83 12.50 -2.95
N SER A 62 -11.59 12.06 -2.83
CA SER A 62 -10.73 11.93 -3.99
C SER A 62 -10.36 10.46 -4.21
N THR A 63 -10.21 10.10 -5.47
CA THR A 63 -9.87 8.73 -5.83
C THR A 63 -8.42 8.43 -5.45
N GLU A 64 -7.53 9.30 -5.90
CA GLU A 64 -6.11 9.13 -5.62
C GLU A 64 -5.87 9.13 -4.10
N ALA A 65 -6.66 9.93 -3.41
CA ALA A 65 -6.54 10.01 -1.96
C ALA A 65 -7.24 8.80 -1.32
N ALA A 66 -8.46 8.58 -1.76
CA ALA A 66 -9.24 7.46 -1.25
C ALA A 66 -8.39 6.19 -1.27
N LYS A 67 -7.67 6.03 -2.37
CA LYS A 67 -6.81 4.86 -2.53
C LYS A 67 -5.62 4.98 -1.58
N LYS A 68 -5.15 6.20 -1.41
CA LYS A 68 -4.03 6.46 -0.52
C LYS A 68 -4.38 6.02 0.89
N ASP A 69 -5.65 6.20 1.23
CA ASP A 69 -6.14 5.83 2.55
C ASP A 69 -6.05 4.31 2.72
N ALA A 70 -6.84 3.62 1.91
CA ALA A 70 -6.86 2.17 1.95
C ALA A 70 -5.45 1.63 1.71
N CYS A 71 -4.70 2.37 0.90
CA CYS A 71 -3.33 1.97 0.59
C CYS A 71 -2.50 2.08 1.87
N LEU A 72 -2.64 3.21 2.54
CA LEU A 72 -1.90 3.44 3.77
C LEU A 72 -2.43 2.50 4.86
N LYS A 73 -3.74 2.42 4.94
CA LYS A 73 -4.38 1.57 5.93
C LYS A 73 -3.88 0.13 5.75
N ALA A 74 -3.61 -0.22 4.50
CA ALA A 74 -3.13 -1.55 4.19
C ALA A 74 -1.69 -1.71 4.70
N VAL A 75 -0.95 -0.61 4.62
CA VAL A 75 0.43 -0.62 5.08
C VAL A 75 0.46 -0.92 6.57
N HIS A 76 -0.37 -0.21 7.31
CA HIS A 76 -0.44 -0.40 8.75
C HIS A 76 -0.99 -1.80 9.07
N GLU A 77 -2.00 -2.18 8.30
CA GLU A 77 -2.62 -3.49 8.47
C GLU A 77 -1.57 -4.59 8.37
N LEU A 78 -0.53 -4.31 7.58
CA LEU A 78 0.54 -5.27 7.39
C LEU A 78 1.66 -4.99 8.39
N HIS A 79 1.81 -3.73 8.73
CA HIS A 79 2.84 -3.31 9.67
C HIS A 79 2.42 -3.73 11.09
N ASN A 80 1.17 -3.44 11.41
CA ASN A 80 0.64 -3.78 12.72
C ASN A 80 0.78 -5.29 12.95
N LEU A 81 0.34 -6.05 11.96
CA LEU A 81 0.41 -7.49 12.05
C LEU A 81 1.78 -7.96 11.55
N GLY A 82 1.97 -7.87 10.25
CA GLY A 82 3.23 -8.28 9.64
C GLY A 82 3.76 -9.56 10.28
N VAL A 83 2.92 -10.59 10.25
CA VAL A 83 3.29 -11.87 10.82
C VAL A 83 3.95 -12.74 9.74
N LEU A 84 3.92 -12.23 8.52
CA LEU A 84 4.51 -12.93 7.39
C LEU A 84 5.52 -12.02 6.70
N ASN A 85 6.05 -11.07 7.47
CA ASN A 85 7.01 -10.13 6.94
C ASN A 85 8.31 -10.88 6.60
N ASP A 86 8.41 -12.08 7.14
CA ASP A 86 9.59 -12.91 6.90
C ASP A 86 9.52 -13.50 5.49
N PHE A 87 8.30 -13.55 4.96
CA PHE A 87 8.09 -14.10 3.63
C PHE A 87 8.07 -12.97 2.59
N LEU A 88 7.90 -11.76 3.08
CA LEU A 88 7.86 -10.60 2.20
C LEU A 88 9.19 -9.84 2.30
N LEU A 89 9.55 -9.19 1.21
CA LEU A 89 10.79 -8.43 1.16
C LEU A 89 10.64 -7.17 2.02
N PRO A 90 11.56 -7.02 3.00
CA PRO A 90 11.54 -5.87 3.90
C PRO A 90 12.05 -4.62 3.18
N ASP A 91 12.41 -3.63 3.99
CA ASP A 91 12.91 -2.37 3.45
C ASP A 91 14.43 -2.33 3.62
N SER A 92 14.92 -3.12 4.56
CA SER A 92 16.34 -3.17 4.84
C SER A 92 17.07 -3.94 3.73
N LYS A 93 16.52 -5.10 3.41
CA LYS A 93 17.10 -5.95 2.37
C LYS A 93 16.87 -5.29 1.01
N ASP A 94 15.90 -4.37 0.98
CA ASP A 94 15.57 -3.68 -0.24
C ASP A 94 16.40 -2.40 -0.34
N GLU A 95 16.86 -1.94 0.81
CA GLU A 95 17.67 -0.74 0.88
C GLU A 95 17.11 0.32 -0.08
N ILE A 96 15.99 0.91 0.33
CA ILE A 96 15.35 1.94 -0.48
C ILE A 96 15.24 3.22 0.34
N GLU A 97 14.84 4.28 -0.35
CA GLU A 97 14.68 5.58 0.30
C GLU A 97 13.21 5.99 0.31
N ASP A 98 12.87 6.83 1.28
CA ASP A 98 11.51 7.31 1.41
C ASP A 98 11.11 8.04 0.13
N GLU A 99 12.07 8.76 -0.43
CA GLU A 99 11.83 9.51 -1.65
C GLU A 99 11.85 8.56 -2.87
N LEU A 100 12.67 7.54 -2.76
CA LEU A 100 12.79 6.57 -3.84
C LEU A 100 11.57 5.64 -3.81
N SER A 101 10.71 5.88 -2.84
CA SER A 101 9.50 5.07 -2.69
C SER A 101 8.71 5.09 -4.00
N ASP A 102 7.90 4.04 -4.17
CA ASP A 102 7.08 3.91 -5.37
C ASP A 102 8.00 3.85 -6.60
N ILE A 1 13.92 18.18 3.86
CA ILE A 1 13.99 16.77 3.54
C ILE A 1 13.59 15.96 4.78
N SER A 2 12.33 16.10 5.15
CA SER A 2 11.81 15.40 6.31
C SER A 2 12.22 13.92 6.24
N GLY A 3 12.44 13.35 7.42
CA GLY A 3 12.84 11.95 7.51
C GLY A 3 11.64 11.05 7.77
N GLY A 4 11.27 10.30 6.76
CA GLY A 4 10.13 9.40 6.86
C GLY A 4 10.57 7.94 6.68
N SER A 5 11.48 7.52 7.54
CA SER A 5 11.99 6.15 7.49
C SER A 5 10.86 5.16 7.72
N SER A 6 9.89 5.59 8.52
CA SER A 6 8.75 4.74 8.83
C SER A 6 7.91 4.51 7.57
N ILE A 7 7.92 5.51 6.70
CA ILE A 7 7.17 5.43 5.46
C ILE A 7 7.78 4.34 4.57
N SER A 8 9.11 4.31 4.56
CA SER A 8 9.83 3.33 3.76
C SER A 8 9.14 1.97 3.85
N MET A 9 8.53 1.73 5.01
CA MET A 9 7.84 0.48 5.24
C MET A 9 6.38 0.56 4.77
N MET A 10 5.75 1.67 5.09
CA MET A 10 4.36 1.88 4.70
C MET A 10 4.24 2.09 3.19
N TYR A 11 4.96 3.09 2.70
CA TYR A 11 4.94 3.40 1.28
C TYR A 11 5.19 2.15 0.45
N LYS A 12 6.09 1.31 0.94
CA LYS A 12 6.44 0.08 0.25
C LYS A 12 5.15 -0.64 -0.16
N TYR A 13 4.24 -0.75 0.79
CA TYR A 13 2.97 -1.41 0.54
C TYR A 13 2.28 -0.82 -0.70
N CYS A 14 2.30 0.50 -0.77
CA CYS A 14 1.69 1.18 -1.90
C CYS A 14 2.44 0.78 -3.17
N SER A 15 3.73 0.52 -3.00
CA SER A 15 4.56 0.12 -4.13
C SER A 15 4.02 -1.17 -4.76
N ARG A 16 3.13 -1.82 -4.02
CA ARG A 16 2.54 -3.05 -4.49
C ARG A 16 1.68 -2.80 -5.73
N LEU A 17 1.58 -1.52 -6.09
CA LEU A 17 0.80 -1.14 -7.25
C LEU A 17 1.30 -1.89 -8.48
N PRO A 18 0.32 -2.47 -9.23
CA PRO A 18 0.65 -3.23 -10.43
C PRO A 18 1.02 -2.28 -11.57
N HIS A 19 0.35 -1.15 -11.60
CA HIS A 19 0.60 -0.16 -12.64
C HIS A 19 2.03 0.38 -12.50
N ASP A 20 2.64 0.05 -11.39
CA ASP A 20 4.00 0.49 -11.12
C ASP A 20 4.99 -0.59 -11.58
N GLU A 21 5.86 -0.19 -12.48
CA GLU A 21 6.86 -1.11 -13.02
C GLU A 21 7.99 -1.30 -12.01
N PHE A 22 8.14 -0.31 -11.14
CA PHE A 22 9.18 -0.35 -10.12
C PHE A 22 8.93 -1.51 -9.14
N PHE A 23 7.76 -2.10 -9.27
CA PHE A 23 7.39 -3.21 -8.39
C PHE A 23 6.82 -4.38 -9.20
N GLN A 24 7.06 -5.57 -8.69
CA GLN A 24 6.57 -6.77 -9.36
C GLN A 24 5.10 -7.01 -9.02
N PRO A 25 4.40 -7.70 -9.96
CA PRO A 25 2.99 -8.00 -9.78
C PRO A 25 2.80 -9.13 -8.75
N LYS A 26 1.60 -9.19 -8.20
CA LYS A 26 1.28 -10.20 -7.22
C LYS A 26 -0.02 -9.82 -6.49
N PRO A 27 0.02 -8.59 -5.89
CA PRO A 27 -1.15 -8.09 -5.16
C PRO A 27 -2.24 -7.64 -6.13
N GLU A 28 -3.28 -7.05 -5.56
CA GLU A 28 -4.39 -6.55 -6.35
C GLU A 28 -4.91 -5.23 -5.78
N PHE A 29 -5.11 -4.28 -6.67
CA PHE A 29 -5.60 -2.97 -6.26
C PHE A 29 -6.66 -2.45 -7.24
N GLN A 30 -7.74 -1.93 -6.68
CA GLN A 30 -8.83 -1.41 -7.48
C GLN A 30 -9.45 -0.19 -6.79
N PHE A 31 -9.66 0.85 -7.59
CA PHE A 31 -10.26 2.08 -7.08
C PHE A 31 -11.59 2.36 -7.75
N LYS A 32 -12.54 2.81 -6.95
CA LYS A 32 -13.87 3.12 -7.45
C LYS A 32 -14.05 4.64 -7.46
N PRO A 33 -14.22 5.18 -8.71
CA PRO A 33 -14.41 6.61 -8.88
C PRO A 33 -15.82 7.04 -8.47
N VAL A 34 -16.04 7.04 -7.16
CA VAL A 34 -17.34 7.42 -6.62
C VAL A 34 -17.47 8.95 -6.65
N ASP A 35 -18.69 9.40 -6.45
CA ASP A 35 -18.97 10.83 -6.45
C ASP A 35 -18.23 11.49 -5.29
N GLU A 36 -18.25 12.81 -5.29
CA GLU A 36 -17.59 13.57 -4.24
C GLU A 36 -18.24 13.29 -2.88
N PHE A 37 -19.39 12.63 -2.94
CA PHE A 37 -20.12 12.30 -1.73
C PHE A 37 -19.32 11.32 -0.86
N GLY A 38 -18.24 10.83 -1.43
CA GLY A 38 -17.39 9.90 -0.72
C GLY A 38 -16.01 9.80 -1.38
N GLY A 39 -15.44 10.96 -1.67
CA GLY A 39 -14.13 11.01 -2.30
C GLY A 39 -13.97 9.89 -3.32
N THR A 40 -13.06 8.98 -3.01
CA THR A 40 -12.80 7.85 -3.89
C THR A 40 -12.76 6.55 -3.08
N ILE A 41 -13.23 5.49 -3.72
CA ILE A 41 -13.26 4.18 -3.08
C ILE A 41 -12.02 3.38 -3.50
N CYS A 42 -11.38 2.79 -2.51
CA CYS A 42 -10.19 2.00 -2.76
C CYS A 42 -10.50 0.53 -2.45
N ARG A 43 -9.84 -0.35 -3.18
CA ARG A 43 -10.05 -1.78 -2.99
C ARG A 43 -8.73 -2.52 -3.21
N ILE A 44 -8.16 -2.99 -2.11
CA ILE A 44 -6.90 -3.71 -2.17
C ILE A 44 -7.09 -5.09 -1.51
N THR A 45 -6.57 -6.10 -2.18
CA THR A 45 -6.68 -7.46 -1.68
C THR A 45 -5.41 -8.26 -2.03
N LEU A 46 -4.84 -8.89 -1.01
CA LEU A 46 -3.64 -9.69 -1.19
C LEU A 46 -4.04 -11.14 -1.47
N PRO A 47 -3.02 -11.92 -1.93
CA PRO A 47 -3.24 -13.32 -2.25
C PRO A 47 -3.37 -14.15 -0.97
N ALA A 48 -3.80 -15.40 -1.15
CA ALA A 48 -3.97 -16.30 -0.03
C ALA A 48 -2.65 -16.44 0.72
N ASN A 49 -1.58 -16.03 0.04
CA ASN A 49 -0.25 -16.11 0.62
C ASN A 49 -0.15 -15.12 1.78
N ALA A 50 -1.09 -14.19 1.81
CA ALA A 50 -1.12 -13.18 2.86
C ALA A 50 -2.44 -13.30 3.64
N PRO A 51 -2.33 -13.10 4.98
CA PRO A 51 -3.50 -13.18 5.84
C PRO A 51 -4.38 -11.95 5.69
N ILE A 52 -3.93 -10.86 6.30
CA ILE A 52 -4.66 -9.61 6.24
C ILE A 52 -3.95 -8.64 5.28
N SER A 53 -4.66 -7.58 4.93
CA SER A 53 -4.10 -6.59 4.03
C SER A 53 -5.24 -5.89 3.27
N GLU A 54 -6.39 -6.56 3.23
CA GLU A 54 -7.54 -6.03 2.54
C GLU A 54 -7.86 -4.62 3.06
N ILE A 55 -8.16 -3.74 2.12
CA ILE A 55 -8.49 -2.36 2.47
C ILE A 55 -9.55 -1.83 1.50
N GLU A 56 -10.72 -1.53 2.05
CA GLU A 56 -11.81 -1.01 1.25
C GLU A 56 -12.59 0.05 2.03
N SER A 57 -12.43 1.29 1.61
CA SER A 57 -13.11 2.39 2.26
C SER A 57 -12.54 3.73 1.77
N SER A 58 -13.44 4.57 1.28
CA SER A 58 -13.04 5.87 0.78
C SER A 58 -12.72 6.82 1.94
N LEU A 59 -12.14 7.96 1.60
CA LEU A 59 -11.79 8.94 2.61
C LEU A 59 -11.17 10.16 1.92
N LEU A 60 -10.47 9.89 0.83
CA LEU A 60 -9.82 10.96 0.07
C LEU A 60 -10.54 11.12 -1.27
N PRO A 61 -10.59 12.40 -1.75
CA PRO A 61 -11.24 12.70 -3.01
C PRO A 61 -10.36 12.26 -4.19
N SER A 62 -9.22 11.67 -3.85
CA SER A 62 -8.29 11.21 -4.87
C SER A 62 -8.03 9.72 -4.68
N THR A 63 -7.84 9.03 -5.80
CA THR A 63 -7.58 7.61 -5.79
C THR A 63 -6.20 7.33 -5.18
N GLU A 64 -5.20 8.02 -5.72
CA GLU A 64 -3.84 7.86 -5.24
C GLU A 64 -3.77 8.04 -3.73
N ALA A 65 -4.46 9.07 -3.26
CA ALA A 65 -4.51 9.36 -1.84
C ALA A 65 -5.43 8.36 -1.14
N ALA A 66 -6.61 8.22 -1.70
CA ALA A 66 -7.60 7.31 -1.14
C ALA A 66 -6.97 5.92 -0.98
N LYS A 67 -6.32 5.47 -2.05
CA LYS A 67 -5.67 4.18 -2.03
C LYS A 67 -4.47 4.22 -1.09
N LYS A 68 -3.81 5.37 -1.07
CA LYS A 68 -2.64 5.56 -0.22
C LYS A 68 -3.08 5.50 1.25
N ASP A 69 -4.26 6.03 1.51
CA ASP A 69 -4.81 6.04 2.85
C ASP A 69 -5.04 4.61 3.32
N ALA A 70 -5.90 3.91 2.59
CA ALA A 70 -6.22 2.53 2.92
C ALA A 70 -4.93 1.70 2.94
N CYS A 71 -4.15 1.88 1.88
CA CYS A 71 -2.89 1.16 1.76
C CYS A 71 -2.07 1.39 3.04
N LEU A 72 -2.09 2.62 3.50
CA LEU A 72 -1.36 2.99 4.70
C LEU A 72 -1.87 2.14 5.87
N LYS A 73 -3.19 2.00 5.93
CA LYS A 73 -3.82 1.23 6.99
C LYS A 73 -3.59 -0.26 6.71
N ALA A 74 -3.53 -0.60 5.43
CA ALA A 74 -3.32 -1.98 5.02
C ALA A 74 -1.98 -2.47 5.56
N VAL A 75 -0.95 -1.69 5.28
CA VAL A 75 0.40 -2.03 5.72
C VAL A 75 0.40 -2.19 7.24
N HIS A 76 -0.37 -1.34 7.90
CA HIS A 76 -0.46 -1.37 9.35
C HIS A 76 -1.03 -2.72 9.79
N GLU A 77 -2.09 -3.13 9.11
CA GLU A 77 -2.74 -4.39 9.42
C GLU A 77 -1.72 -5.54 9.33
N LEU A 78 -0.76 -5.37 8.44
CA LEU A 78 0.27 -6.37 8.25
C LEU A 78 1.44 -6.10 9.19
N HIS A 79 1.67 -4.81 9.43
CA HIS A 79 2.76 -4.39 10.30
C HIS A 79 2.47 -4.86 11.73
N ASN A 80 1.24 -4.66 12.16
CA ASN A 80 0.83 -5.06 13.49
C ASN A 80 0.95 -6.57 13.62
N LEU A 81 0.83 -7.25 12.50
CA LEU A 81 0.92 -8.70 12.47
C LEU A 81 2.36 -9.10 12.16
N GLY A 82 2.71 -9.01 10.89
CA GLY A 82 4.06 -9.35 10.46
C GLY A 82 4.24 -10.87 10.40
N VAL A 83 3.35 -11.52 9.66
CA VAL A 83 3.40 -12.96 9.51
C VAL A 83 3.67 -13.32 8.05
N LEU A 84 3.67 -12.29 7.22
CA LEU A 84 3.90 -12.48 5.79
C LEU A 84 5.00 -11.51 5.33
N ASN A 85 5.75 -11.02 6.30
CA ASN A 85 6.83 -10.09 6.00
C ASN A 85 7.84 -10.76 5.08
N ASP A 86 7.72 -12.08 4.99
CA ASP A 86 8.62 -12.86 4.14
C ASP A 86 8.42 -12.46 2.68
N PHE A 87 7.25 -11.90 2.42
CA PHE A 87 6.91 -11.46 1.07
C PHE A 87 7.62 -10.16 0.72
N LEU A 88 8.11 -9.49 1.75
CA LEU A 88 8.81 -8.23 1.57
C LEU A 88 10.29 -8.51 1.25
N LEU A 89 10.88 -7.58 0.53
CA LEU A 89 12.28 -7.71 0.15
C LEU A 89 13.16 -7.66 1.40
N PRO A 90 14.06 -8.67 1.52
CA PRO A 90 14.96 -8.75 2.65
C PRO A 90 16.07 -7.71 2.54
N ASP A 91 17.18 -8.14 1.94
CA ASP A 91 18.32 -7.26 1.76
C ASP A 91 18.03 -6.27 0.64
N SER A 92 17.09 -6.65 -0.22
CA SER A 92 16.71 -5.81 -1.34
C SER A 92 16.10 -4.50 -0.83
N LYS A 93 15.21 -4.64 0.14
CA LYS A 93 14.56 -3.48 0.72
C LYS A 93 15.57 -2.68 1.54
N ASP A 94 16.75 -3.27 1.70
CA ASP A 94 17.80 -2.63 2.46
C ASP A 94 18.33 -1.42 1.68
N GLU A 95 17.85 -1.30 0.46
CA GLU A 95 18.25 -0.19 -0.39
C GLU A 95 17.02 0.52 -0.96
N ILE A 96 16.23 1.07 -0.05
CA ILE A 96 15.02 1.77 -0.45
C ILE A 96 14.96 3.11 0.30
N GLU A 97 14.18 4.02 -0.27
CA GLU A 97 14.03 5.34 0.33
C GLU A 97 12.55 5.63 0.59
N ASP A 98 12.31 6.48 1.58
CA ASP A 98 10.95 6.84 1.94
C ASP A 98 10.27 7.50 0.75
N GLU A 99 11.02 8.34 0.06
CA GLU A 99 10.49 9.05 -1.10
C GLU A 99 10.47 8.10 -2.30
N LEU A 100 11.45 7.21 -2.35
CA LEU A 100 11.55 6.26 -3.44
C LEU A 100 10.42 5.24 -3.32
N SER A 101 10.16 4.82 -2.09
CA SER A 101 9.12 3.85 -1.83
C SER A 101 7.79 4.34 -2.41
N ASP A 102 6.88 3.40 -2.60
CA ASP A 102 5.57 3.72 -3.14
C ASP A 102 5.74 4.33 -4.54
N ILE A 1 16.00 6.42 10.58
CA ILE A 1 17.31 7.03 10.49
C ILE A 1 17.15 8.56 10.51
N SER A 2 16.50 9.07 9.47
CA SER A 2 16.28 10.50 9.37
C SER A 2 15.40 10.80 8.15
N GLY A 3 14.45 11.70 8.36
CA GLY A 3 13.54 12.08 7.29
C GLY A 3 12.18 11.38 7.45
N GLY A 4 12.11 10.18 6.90
CA GLY A 4 10.88 9.40 6.96
C GLY A 4 11.11 7.98 6.44
N SER A 5 12.03 7.28 7.09
CA SER A 5 12.35 5.92 6.69
C SER A 5 11.11 5.03 6.82
N SER A 6 10.21 5.44 7.72
CA SER A 6 8.99 4.70 7.95
C SER A 6 8.17 4.62 6.65
N ILE A 7 8.29 5.68 5.85
CA ILE A 7 7.57 5.73 4.60
C ILE A 7 8.17 4.72 3.62
N SER A 8 9.49 4.63 3.64
CA SER A 8 10.19 3.71 2.77
C SER A 8 9.48 2.36 2.77
N MET A 9 8.84 2.05 3.89
CA MET A 9 8.12 0.80 4.03
C MET A 9 6.68 0.93 3.54
N MET A 10 6.06 2.05 3.92
CA MET A 10 4.68 2.30 3.53
C MET A 10 4.60 2.65 2.05
N TYR A 11 5.20 3.79 1.71
CA TYR A 11 5.19 4.25 0.32
C TYR A 11 5.45 3.09 -0.64
N LYS A 12 6.34 2.21 -0.23
CA LYS A 12 6.69 1.06 -1.05
C LYS A 12 5.41 0.36 -1.51
N TYR A 13 4.52 0.13 -0.55
CA TYR A 13 3.26 -0.52 -0.85
C TYR A 13 2.54 0.17 -2.01
N CYS A 14 2.59 1.49 -2.00
CA CYS A 14 1.95 2.27 -3.04
C CYS A 14 2.68 2.00 -4.36
N SER A 15 3.96 1.72 -4.23
CA SER A 15 4.79 1.44 -5.41
C SER A 15 4.23 0.24 -6.16
N ARG A 16 3.37 -0.51 -5.47
CA ARG A 16 2.76 -1.68 -6.06
C ARG A 16 1.76 -1.28 -7.15
N LEU A 17 1.70 0.03 -7.39
CA LEU A 17 0.80 0.56 -8.39
C LEU A 17 1.11 -0.09 -9.74
N PRO A 18 0.08 -0.08 -10.63
CA PRO A 18 0.24 -0.67 -11.95
C PRO A 18 1.06 0.25 -12.86
N HIS A 19 1.77 -0.37 -13.79
CA HIS A 19 2.60 0.37 -14.72
C HIS A 19 3.94 0.71 -14.06
N ASP A 20 4.01 0.43 -12.77
CA ASP A 20 5.22 0.69 -12.00
C ASP A 20 6.22 -0.44 -12.24
N GLU A 21 7.39 -0.05 -12.73
CA GLU A 21 8.44 -1.02 -13.00
C GLU A 21 9.11 -1.46 -11.69
N PHE A 22 9.02 -0.60 -10.70
CA PHE A 22 9.61 -0.87 -9.40
C PHE A 22 8.68 -1.77 -8.56
N PHE A 23 7.63 -2.25 -9.22
CA PHE A 23 6.67 -3.11 -8.55
C PHE A 23 6.74 -4.54 -9.10
N GLN A 24 6.55 -5.49 -8.20
CA GLN A 24 6.59 -6.89 -8.57
C GLN A 24 5.17 -7.45 -8.69
N PRO A 25 5.04 -8.54 -9.51
CA PRO A 25 3.75 -9.17 -9.72
C PRO A 25 3.34 -10.00 -8.50
N LYS A 26 2.34 -9.50 -7.80
CA LYS A 26 1.85 -10.18 -6.62
C LYS A 26 0.68 -9.38 -6.02
N PRO A 27 0.99 -8.11 -5.65
CA PRO A 27 -0.01 -7.24 -5.07
C PRO A 27 -0.99 -6.73 -6.14
N GLU A 28 -2.19 -6.40 -5.69
CA GLU A 28 -3.22 -5.90 -6.60
C GLU A 28 -4.02 -4.79 -5.92
N PHE A 29 -4.32 -3.77 -6.71
CA PHE A 29 -5.08 -2.64 -6.21
C PHE A 29 -6.17 -2.22 -7.19
N GLN A 30 -7.30 -1.80 -6.64
CA GLN A 30 -8.42 -1.38 -7.46
C GLN A 30 -9.14 -0.20 -6.81
N PHE A 31 -9.62 0.70 -7.65
CA PHE A 31 -10.32 1.87 -7.17
C PHE A 31 -11.79 1.86 -7.62
N LYS A 32 -12.67 2.22 -6.69
CA LYS A 32 -14.09 2.25 -6.97
C LYS A 32 -14.56 3.70 -7.04
N PRO A 33 -15.03 4.10 -8.25
CA PRO A 33 -15.51 5.44 -8.46
C PRO A 33 -16.90 5.64 -7.82
N VAL A 34 -16.93 6.49 -6.81
CA VAL A 34 -18.16 6.77 -6.11
C VAL A 34 -18.51 8.26 -6.25
N ASP A 35 -19.73 8.59 -5.87
CA ASP A 35 -20.20 9.96 -5.96
C ASP A 35 -19.36 10.84 -5.02
N GLU A 36 -19.42 12.14 -5.25
CA GLU A 36 -18.68 13.09 -4.44
C GLU A 36 -19.16 13.02 -2.98
N PHE A 37 -20.30 12.37 -2.80
CA PHE A 37 -20.86 12.22 -1.46
C PHE A 37 -20.31 10.99 -0.76
N GLY A 38 -19.21 10.48 -1.31
CA GLY A 38 -18.57 9.30 -0.74
C GLY A 38 -17.14 9.13 -1.29
N GLY A 39 -16.53 10.27 -1.59
CA GLY A 39 -15.18 10.27 -2.11
C GLY A 39 -14.95 9.08 -3.05
N THR A 40 -13.82 8.43 -2.89
CA THR A 40 -13.47 7.28 -3.71
C THR A 40 -13.05 6.10 -2.83
N ILE A 41 -13.42 4.91 -3.28
CA ILE A 41 -13.10 3.69 -2.55
C ILE A 41 -11.96 2.97 -3.27
N CYS A 42 -11.04 2.44 -2.48
CA CYS A 42 -9.90 1.72 -3.02
C CYS A 42 -9.87 0.32 -2.39
N ARG A 43 -9.87 -0.69 -3.25
CA ARG A 43 -9.84 -2.06 -2.79
C ARG A 43 -8.48 -2.69 -3.09
N ILE A 44 -7.74 -2.97 -2.03
CA ILE A 44 -6.43 -3.58 -2.16
C ILE A 44 -6.48 -5.02 -1.65
N THR A 45 -5.82 -5.89 -2.40
CA THR A 45 -5.77 -7.30 -2.03
C THR A 45 -4.37 -7.87 -2.23
N LEU A 46 -3.85 -8.45 -1.17
CA LEU A 46 -2.52 -9.05 -1.21
C LEU A 46 -2.63 -10.54 -1.54
N PRO A 47 -1.46 -11.13 -1.86
CA PRO A 47 -1.40 -12.55 -2.20
C PRO A 47 -1.54 -13.41 -0.94
N ALA A 48 -1.81 -14.69 -1.16
CA ALA A 48 -1.96 -15.63 -0.07
C ALA A 48 -0.72 -15.57 0.82
N ASN A 49 0.35 -15.04 0.26
CA ASN A 49 1.60 -14.91 1.00
C ASN A 49 1.42 -13.91 2.14
N ALA A 50 0.37 -13.11 2.03
CA ALA A 50 0.08 -12.11 3.03
C ALA A 50 -1.31 -12.38 3.62
N PRO A 51 -1.39 -12.34 4.97
CA PRO A 51 -2.64 -12.57 5.66
C PRO A 51 -3.56 -11.36 5.55
N ILE A 52 -3.17 -10.29 6.24
CA ILE A 52 -3.95 -9.06 6.22
C ILE A 52 -3.24 -8.03 5.35
N SER A 53 -4.01 -7.03 4.93
CA SER A 53 -3.48 -5.97 4.09
C SER A 53 -4.58 -5.39 3.21
N GLU A 54 -5.65 -6.16 3.07
CA GLU A 54 -6.78 -5.72 2.26
C GLU A 54 -7.48 -4.54 2.92
N ILE A 55 -7.80 -3.54 2.10
CA ILE A 55 -8.46 -2.35 2.59
C ILE A 55 -9.40 -1.82 1.51
N GLU A 56 -10.69 -1.75 1.86
CA GLU A 56 -11.69 -1.25 0.93
C GLU A 56 -12.68 -0.35 1.65
N SER A 57 -12.68 0.92 1.26
CA SER A 57 -13.57 1.90 1.86
C SER A 57 -13.15 3.31 1.44
N SER A 58 -14.16 4.14 1.24
CA SER A 58 -13.92 5.52 0.83
C SER A 58 -13.42 6.34 2.04
N LEU A 59 -12.84 7.48 1.74
CA LEU A 59 -12.33 8.36 2.77
C LEU A 59 -11.80 9.65 2.15
N LEU A 60 -11.19 9.48 0.98
CA LEU A 60 -10.64 10.63 0.27
C LEU A 60 -11.42 10.83 -1.03
N PRO A 61 -11.64 12.13 -1.38
CA PRO A 61 -12.37 12.47 -2.58
C PRO A 61 -11.50 12.25 -3.82
N SER A 62 -10.28 11.78 -3.59
CA SER A 62 -9.36 11.53 -4.67
C SER A 62 -8.96 10.05 -4.70
N THR A 63 -8.65 9.57 -5.89
CA THR A 63 -8.26 8.18 -6.06
C THR A 63 -6.87 7.95 -5.48
N GLU A 64 -5.93 8.78 -5.91
CA GLU A 64 -4.56 8.68 -5.44
C GLU A 64 -4.52 8.69 -3.91
N ALA A 65 -5.30 9.59 -3.34
CA ALA A 65 -5.36 9.71 -1.89
C ALA A 65 -6.17 8.55 -1.32
N ALA A 66 -7.33 8.33 -1.91
CA ALA A 66 -8.20 7.26 -1.48
C ALA A 66 -7.41 5.95 -1.39
N LYS A 67 -6.65 5.69 -2.45
CA LYS A 67 -5.83 4.50 -2.51
C LYS A 67 -4.70 4.59 -1.49
N LYS A 68 -4.19 5.81 -1.33
CA LYS A 68 -3.11 6.06 -0.40
C LYS A 68 -3.56 5.66 1.01
N ASP A 69 -4.83 5.91 1.29
CA ASP A 69 -5.39 5.59 2.59
C ASP A 69 -5.35 4.07 2.78
N ALA A 70 -6.09 3.37 1.93
CA ALA A 70 -6.14 1.93 2.00
C ALA A 70 -4.73 1.35 1.87
N CYS A 71 -3.94 2.02 1.05
CA CYS A 71 -2.56 1.59 0.82
C CYS A 71 -1.79 1.75 2.14
N LEU A 72 -1.96 2.91 2.75
CA LEU A 72 -1.29 3.20 4.01
C LEU A 72 -1.84 2.27 5.10
N LYS A 73 -3.15 2.07 5.05
CA LYS A 73 -3.80 1.21 6.02
C LYS A 73 -3.42 -0.24 5.76
N ALA A 74 -3.22 -0.55 4.48
CA ALA A 74 -2.84 -1.90 4.08
C ALA A 74 -1.45 -2.22 4.62
N VAL A 75 -0.53 -1.31 4.36
CA VAL A 75 0.84 -1.48 4.82
C VAL A 75 0.87 -1.49 6.34
N HIS A 76 0.06 -0.62 6.93
CA HIS A 76 -0.01 -0.51 8.38
C HIS A 76 -0.54 -1.82 8.96
N GLU A 77 -1.63 -2.29 8.36
CA GLU A 77 -2.25 -3.53 8.82
C GLU A 77 -1.23 -4.68 8.76
N LEU A 78 -0.32 -4.58 7.81
CA LEU A 78 0.70 -5.59 7.64
C LEU A 78 1.87 -5.29 8.58
N HIS A 79 2.10 -4.00 8.79
CA HIS A 79 3.18 -3.56 9.67
C HIS A 79 2.82 -3.85 11.12
N ASN A 80 1.59 -3.48 11.48
CA ASN A 80 1.11 -3.70 12.83
C ASN A 80 1.16 -5.19 13.15
N LEU A 81 0.66 -5.99 12.22
CA LEU A 81 0.64 -7.43 12.39
C LEU A 81 2.00 -8.00 12.00
N GLY A 82 2.26 -7.99 10.70
CA GLY A 82 3.51 -8.50 10.18
C GLY A 82 3.83 -9.89 10.77
N VAL A 83 2.92 -10.82 10.53
CA VAL A 83 3.10 -12.17 11.04
C VAL A 83 3.64 -13.06 9.92
N LEU A 84 3.58 -12.54 8.71
CA LEU A 84 4.06 -13.27 7.55
C LEU A 84 5.06 -12.41 6.78
N ASN A 85 5.66 -11.47 7.50
CA ASN A 85 6.64 -10.57 6.90
C ASN A 85 7.75 -11.40 6.27
N ASP A 86 7.84 -12.65 6.69
CA ASP A 86 8.86 -13.55 6.17
C ASP A 86 8.50 -13.95 4.75
N PHE A 87 7.21 -13.82 4.44
CA PHE A 87 6.72 -14.17 3.11
C PHE A 87 6.69 -12.94 2.20
N LEU A 88 6.76 -11.77 2.83
CA LEU A 88 6.75 -10.53 2.08
C LEU A 88 8.15 -9.90 2.12
N LEU A 89 8.46 -9.17 1.06
CA LEU A 89 9.76 -8.52 0.96
C LEU A 89 9.72 -7.20 1.74
N PRO A 90 10.68 -7.07 2.69
CA PRO A 90 10.77 -5.88 3.51
C PRO A 90 11.36 -4.71 2.72
N ASP A 91 11.79 -3.69 3.44
CA ASP A 91 12.38 -2.51 2.83
C ASP A 91 13.90 -2.54 3.05
N SER A 92 14.30 -3.27 4.07
CA SER A 92 15.71 -3.38 4.40
C SER A 92 16.48 -3.98 3.23
N LYS A 93 15.95 -5.09 2.72
CA LYS A 93 16.57 -5.79 1.61
C LYS A 93 16.60 -4.86 0.39
N ASP A 94 15.71 -3.87 0.43
CA ASP A 94 15.61 -2.92 -0.67
C ASP A 94 16.53 -1.73 -0.37
N GLU A 95 16.64 -1.41 0.90
CA GLU A 95 17.48 -0.30 1.34
C GLU A 95 17.26 0.91 0.42
N ILE A 96 16.04 1.43 0.46
CA ILE A 96 15.70 2.58 -0.36
C ILE A 96 15.19 3.70 0.54
N GLU A 97 15.01 4.87 -0.06
CA GLU A 97 14.53 6.03 0.68
C GLU A 97 13.04 6.21 0.46
N ASP A 98 12.40 6.82 1.45
CA ASP A 98 10.96 7.05 1.39
C ASP A 98 10.67 8.01 0.22
N GLU A 99 11.72 8.66 -0.25
CA GLU A 99 11.59 9.59 -1.36
C GLU A 99 11.46 8.84 -2.68
N LEU A 100 12.25 7.77 -2.78
CA LEU A 100 12.24 6.96 -3.99
C LEU A 100 10.97 6.11 -4.02
N SER A 101 10.62 5.58 -2.86
CA SER A 101 9.44 4.75 -2.73
C SER A 101 8.22 5.51 -3.26
N ASP A 102 7.18 4.75 -3.58
CA ASP A 102 5.94 5.33 -4.10
C ASP A 102 6.25 6.07 -5.40
N ILE A 1 19.87 9.19 4.60
CA ILE A 1 20.18 10.43 5.29
C ILE A 1 19.09 10.72 6.32
N SER A 2 18.31 9.69 6.61
CA SER A 2 17.24 9.82 7.58
C SER A 2 16.86 8.44 8.15
N GLY A 3 16.03 7.74 7.40
CA GLY A 3 15.60 6.42 7.81
C GLY A 3 14.06 6.35 7.92
N GLY A 4 13.42 6.53 6.77
CA GLY A 4 11.97 6.50 6.72
C GLY A 4 11.43 5.16 7.24
N SER A 5 11.04 5.16 8.51
CA SER A 5 10.52 3.96 9.13
C SER A 5 9.09 3.72 8.66
N SER A 6 8.26 4.75 8.82
CA SER A 6 6.86 4.66 8.43
C SER A 6 6.76 4.41 6.92
N ILE A 7 7.57 5.15 6.18
CA ILE A 7 7.58 5.02 4.73
C ILE A 7 7.96 3.59 4.35
N SER A 8 9.06 3.12 4.93
CA SER A 8 9.53 1.77 4.67
C SER A 8 8.34 0.85 4.43
N MET A 9 7.27 1.09 5.15
CA MET A 9 6.07 0.29 5.03
C MET A 9 5.07 0.94 4.06
N MET A 10 4.94 2.25 4.19
CA MET A 10 4.02 3.00 3.35
C MET A 10 4.47 2.96 1.89
N TYR A 11 5.74 2.61 1.70
CA TYR A 11 6.30 2.53 0.36
C TYR A 11 5.74 1.32 -0.39
N LYS A 12 5.89 0.16 0.23
CA LYS A 12 5.41 -1.08 -0.36
C LYS A 12 4.10 -0.81 -1.11
N TYR A 13 3.26 0.01 -0.49
CA TYR A 13 1.98 0.36 -1.09
C TYR A 13 2.17 1.07 -2.42
N CYS A 14 2.96 2.14 -2.38
CA CYS A 14 3.22 2.91 -3.58
C CYS A 14 4.01 2.03 -4.55
N SER A 15 4.79 1.12 -3.99
CA SER A 15 5.59 0.20 -4.79
C SER A 15 4.71 -0.49 -5.83
N ARG A 16 3.40 -0.43 -5.59
CA ARG A 16 2.45 -1.04 -6.50
C ARG A 16 2.40 -0.27 -7.82
N LEU A 17 3.29 0.69 -7.94
CA LEU A 17 3.36 1.51 -9.14
C LEU A 17 3.46 0.60 -10.36
N PRO A 18 2.40 0.65 -11.22
CA PRO A 18 2.36 -0.16 -12.42
C PRO A 18 3.30 0.40 -13.49
N HIS A 19 4.58 0.13 -13.32
CA HIS A 19 5.58 0.61 -14.26
C HIS A 19 6.95 0.58 -13.60
N ASP A 20 6.95 0.62 -12.27
CA ASP A 20 8.19 0.61 -11.52
C ASP A 20 8.78 -0.81 -11.55
N GLU A 21 9.98 -0.90 -12.10
CA GLU A 21 10.66 -2.18 -12.19
C GLU A 21 11.28 -2.55 -10.84
N PHE A 22 11.45 -1.54 -9.99
CA PHE A 22 12.02 -1.76 -8.67
C PHE A 22 11.13 -2.67 -7.83
N PHE A 23 9.86 -2.68 -8.17
CA PHE A 23 8.89 -3.51 -7.46
C PHE A 23 8.01 -4.29 -8.44
N GLN A 24 7.59 -5.46 -7.99
CA GLN A 24 6.74 -6.32 -8.81
C GLN A 24 5.27 -5.97 -8.59
N PRO A 25 4.45 -6.26 -9.64
CA PRO A 25 3.02 -5.98 -9.57
C PRO A 25 2.30 -6.99 -8.68
N LYS A 26 2.78 -7.09 -7.44
CA LYS A 26 2.19 -8.01 -6.49
C LYS A 26 0.89 -7.43 -5.95
N PRO A 27 0.97 -6.15 -5.48
CA PRO A 27 -0.19 -5.48 -4.93
C PRO A 27 -1.12 -5.03 -6.05
N GLU A 28 -2.35 -4.72 -5.67
CA GLU A 28 -3.36 -4.28 -6.62
C GLU A 28 -4.21 -3.16 -6.03
N PHE A 29 -4.88 -2.45 -6.90
CA PHE A 29 -5.72 -1.33 -6.48
C PHE A 29 -7.08 -1.39 -7.18
N GLN A 30 -8.11 -1.01 -6.43
CA GLN A 30 -9.47 -1.01 -6.96
C GLN A 30 -10.24 0.21 -6.45
N PHE A 31 -10.90 0.88 -7.38
CA PHE A 31 -11.68 2.07 -7.04
C PHE A 31 -13.16 1.84 -7.30
N LYS A 32 -13.97 2.24 -6.34
CA LYS A 32 -15.42 2.09 -6.47
C LYS A 32 -16.06 3.47 -6.55
N PRO A 33 -16.75 3.71 -7.70
CA PRO A 33 -17.41 4.99 -7.92
C PRO A 33 -18.70 5.08 -7.09
N VAL A 34 -18.67 5.97 -6.11
CA VAL A 34 -19.82 6.16 -5.24
C VAL A 34 -20.26 7.62 -5.31
N ASP A 35 -21.43 7.89 -4.74
CA ASP A 35 -21.98 9.23 -4.74
C ASP A 35 -21.05 10.15 -3.93
N GLU A 36 -21.19 11.44 -4.18
CA GLU A 36 -20.38 12.43 -3.49
C GLU A 36 -20.66 12.39 -1.99
N PHE A 37 -21.72 11.69 -1.64
CA PHE A 37 -22.12 11.58 -0.24
C PHE A 37 -21.09 10.76 0.55
N GLY A 38 -20.15 10.18 -0.18
CA GLY A 38 -19.11 9.38 0.43
C GLY A 38 -17.91 9.24 -0.50
N GLY A 39 -17.46 10.37 -1.02
CA GLY A 39 -16.32 10.39 -1.93
C GLY A 39 -16.29 9.12 -2.79
N THR A 40 -15.16 8.44 -2.73
CA THR A 40 -14.98 7.22 -3.50
C THR A 40 -14.41 6.10 -2.63
N ILE A 41 -14.79 4.89 -2.96
CA ILE A 41 -14.31 3.73 -2.20
C ILE A 41 -13.11 3.11 -2.93
N CYS A 42 -12.14 2.69 -2.14
CA CYS A 42 -10.94 2.08 -2.69
C CYS A 42 -10.78 0.69 -2.07
N ARG A 43 -10.59 -0.30 -2.93
CA ARG A 43 -10.42 -1.67 -2.48
C ARG A 43 -8.99 -2.14 -2.75
N ILE A 44 -8.24 -2.30 -1.68
CA ILE A 44 -6.86 -2.75 -1.78
C ILE A 44 -6.80 -4.24 -1.46
N THR A 45 -6.02 -4.96 -2.26
CA THR A 45 -5.86 -6.38 -2.07
C THR A 45 -4.42 -6.81 -2.39
N LEU A 46 -3.77 -7.40 -1.40
CA LEU A 46 -2.40 -7.85 -1.56
C LEU A 46 -2.40 -9.32 -2.00
N PRO A 47 -1.20 -9.79 -2.44
CA PRO A 47 -1.06 -11.16 -2.89
C PRO A 47 -1.03 -12.12 -1.70
N ALA A 48 -1.08 -13.41 -2.02
CA ALA A 48 -1.07 -14.44 -0.99
C ALA A 48 0.22 -14.31 -0.17
N ASN A 49 1.16 -13.55 -0.71
CA ASN A 49 2.43 -13.34 -0.03
C ASN A 49 2.20 -12.51 1.22
N ALA A 50 1.05 -11.84 1.24
CA ALA A 50 0.71 -11.00 2.38
C ALA A 50 -0.58 -11.52 3.02
N PRO A 51 -0.60 -11.52 4.38
CA PRO A 51 -1.76 -11.98 5.11
C PRO A 51 -2.89 -10.95 5.07
N ILE A 52 -2.66 -9.83 5.74
CA ILE A 52 -3.64 -8.77 5.78
C ILE A 52 -3.18 -7.62 4.89
N SER A 53 -4.09 -6.66 4.68
CA SER A 53 -3.78 -5.51 3.85
C SER A 53 -5.04 -5.05 3.12
N GLU A 54 -6.05 -5.92 3.14
CA GLU A 54 -7.31 -5.62 2.49
C GLU A 54 -7.99 -4.42 3.16
N ILE A 55 -8.45 -3.49 2.34
CA ILE A 55 -9.12 -2.30 2.84
C ILE A 55 -10.18 -1.86 1.83
N GLU A 56 -11.38 -1.66 2.35
CA GLU A 56 -12.50 -1.23 1.51
C GLU A 56 -13.37 -0.24 2.27
N SER A 57 -13.39 0.99 1.77
CA SER A 57 -14.19 2.04 2.38
C SER A 57 -13.76 3.41 1.83
N SER A 58 -14.76 4.22 1.52
CA SER A 58 -14.50 5.54 0.98
C SER A 58 -14.05 6.48 2.11
N LEU A 59 -13.59 7.65 1.70
CA LEU A 59 -13.12 8.64 2.65
C LEU A 59 -12.75 9.93 1.91
N LEU A 60 -12.20 9.75 0.72
CA LEU A 60 -11.79 10.87 -0.11
C LEU A 60 -12.69 10.95 -1.34
N PRO A 61 -12.88 12.20 -1.82
CA PRO A 61 -13.71 12.42 -3.00
C PRO A 61 -12.98 12.00 -4.28
N SER A 62 -11.77 11.48 -4.09
CA SER A 62 -10.96 11.04 -5.21
C SER A 62 -10.48 9.61 -4.96
N THR A 63 -10.37 8.86 -6.05
CA THR A 63 -9.92 7.48 -5.97
C THR A 63 -8.42 7.43 -5.65
N GLU A 64 -7.68 8.32 -6.29
CA GLU A 64 -6.24 8.39 -6.08
C GLU A 64 -5.94 8.60 -4.59
N ALA A 65 -6.67 9.53 -4.00
CA ALA A 65 -6.49 9.84 -2.59
C ALA A 65 -7.17 8.76 -1.74
N ALA A 66 -8.41 8.47 -2.11
CA ALA A 66 -9.18 7.47 -1.40
C ALA A 66 -8.35 6.19 -1.27
N LYS A 67 -7.65 5.88 -2.33
CA LYS A 67 -6.82 4.69 -2.37
C LYS A 67 -5.63 4.87 -1.42
N LYS A 68 -5.15 6.11 -1.36
CA LYS A 68 -4.03 6.42 -0.49
C LYS A 68 -4.39 6.09 0.95
N ASP A 69 -5.65 6.28 1.28
CA ASP A 69 -6.14 6.01 2.62
C ASP A 69 -6.08 4.50 2.87
N ALA A 70 -6.88 3.77 2.11
CA ALA A 70 -6.93 2.32 2.25
C ALA A 70 -5.52 1.75 2.03
N CYS A 71 -4.75 2.44 1.20
CA CYS A 71 -3.40 2.02 0.90
C CYS A 71 -2.56 2.15 2.18
N LEU A 72 -2.68 3.31 2.82
CA LEU A 72 -1.94 3.56 4.03
C LEU A 72 -2.49 2.67 5.15
N LYS A 73 -3.80 2.60 5.22
CA LYS A 73 -4.46 1.79 6.23
C LYS A 73 -3.95 0.35 6.14
N ALA A 74 -3.67 -0.06 4.90
CA ALA A 74 -3.18 -1.40 4.66
C ALA A 74 -1.75 -1.53 5.22
N VAL A 75 -0.98 -0.48 5.02
CA VAL A 75 0.39 -0.46 5.49
C VAL A 75 0.42 -0.71 7.00
N HIS A 76 -0.45 0.00 7.69
CA HIS A 76 -0.54 -0.13 9.14
C HIS A 76 -0.94 -1.57 9.50
N GLU A 77 -1.95 -2.07 8.80
CA GLU A 77 -2.43 -3.42 9.03
C GLU A 77 -1.32 -4.43 8.78
N LEU A 78 -0.43 -4.07 7.86
CA LEU A 78 0.69 -4.93 7.52
C LEU A 78 1.84 -4.67 8.49
N HIS A 79 1.94 -3.42 8.92
CA HIS A 79 2.99 -3.04 9.85
C HIS A 79 2.68 -3.59 11.24
N ASN A 80 1.43 -3.41 11.66
CA ASN A 80 0.99 -3.89 12.95
C ASN A 80 1.17 -5.41 13.02
N LEU A 81 0.84 -6.06 11.91
CA LEU A 81 0.96 -7.50 11.82
C LEU A 81 2.35 -7.87 11.27
N GLY A 82 2.46 -7.75 9.95
CA GLY A 82 3.72 -8.06 9.28
C GLY A 82 4.39 -9.27 9.93
N VAL A 83 3.63 -10.36 10.01
CA VAL A 83 4.15 -11.58 10.59
C VAL A 83 4.51 -12.57 9.47
N LEU A 84 4.31 -12.12 8.25
CA LEU A 84 4.61 -12.94 7.08
C LEU A 84 5.81 -12.35 6.34
N ASN A 85 6.68 -11.71 7.11
CA ASN A 85 7.86 -11.10 6.53
C ASN A 85 8.63 -12.14 5.70
N ASP A 86 8.34 -13.41 5.99
CA ASP A 86 8.99 -14.50 5.29
C ASP A 86 8.62 -14.43 3.80
N PHE A 87 7.52 -13.75 3.53
CA PHE A 87 7.06 -13.60 2.15
C PHE A 87 7.57 -12.29 1.54
N LEU A 88 8.03 -11.40 2.42
CA LEU A 88 8.53 -10.11 1.98
C LEU A 88 10.06 -10.17 1.95
N LEU A 89 10.63 -9.32 1.11
CA LEU A 89 12.08 -9.26 0.98
C LEU A 89 12.68 -8.80 2.31
N PRO A 90 13.58 -9.67 2.86
CA PRO A 90 14.24 -9.37 4.12
C PRO A 90 15.32 -8.31 3.93
N ASP A 91 16.54 -8.79 3.70
CA ASP A 91 17.67 -7.89 3.50
C ASP A 91 17.54 -7.18 2.15
N SER A 92 16.77 -7.82 1.27
CA SER A 92 16.54 -7.27 -0.05
C SER A 92 15.85 -5.90 0.05
N LYS A 93 14.98 -5.79 1.04
CA LYS A 93 14.25 -4.56 1.27
C LYS A 93 15.18 -3.53 1.90
N ASP A 94 16.41 -3.96 2.17
CA ASP A 94 17.40 -3.09 2.77
C ASP A 94 17.83 -2.03 1.76
N GLU A 95 17.37 -2.21 0.53
CA GLU A 95 17.69 -1.28 -0.53
C GLU A 95 16.46 -0.47 -0.91
N ILE A 96 15.73 -0.04 0.11
CA ILE A 96 14.52 0.75 -0.10
C ILE A 96 14.63 2.05 0.69
N GLU A 97 14.20 3.13 0.06
CA GLU A 97 14.25 4.44 0.68
C GLU A 97 12.85 5.06 0.70
N ASP A 98 12.64 5.94 1.67
CA ASP A 98 11.36 6.61 1.81
C ASP A 98 11.06 7.39 0.53
N GLU A 99 12.11 7.91 -0.07
CA GLU A 99 11.97 8.67 -1.31
C GLU A 99 11.78 7.73 -2.50
N LEU A 100 12.40 6.57 -2.40
CA LEU A 100 12.30 5.57 -3.45
C LEU A 100 10.86 5.05 -3.52
N SER A 101 10.06 5.46 -2.55
CA SER A 101 8.68 5.04 -2.48
C SER A 101 7.98 5.35 -3.81
N ASP A 102 7.19 4.39 -4.28
CA ASP A 102 6.47 4.55 -5.52
C ASP A 102 7.44 4.40 -6.69
N ILE A 1 18.03 12.45 8.40
CA ILE A 1 17.67 12.91 9.73
C ILE A 1 16.17 12.67 9.96
N SER A 2 15.82 11.40 10.10
CA SER A 2 14.44 11.02 10.32
C SER A 2 13.53 11.74 9.32
N GLY A 3 13.51 11.20 8.10
CA GLY A 3 12.70 11.77 7.04
C GLY A 3 11.38 11.01 6.89
N GLY A 4 11.50 9.78 6.40
CA GLY A 4 10.33 8.94 6.19
C GLY A 4 10.73 7.47 6.03
N SER A 5 11.50 6.99 7.01
CA SER A 5 11.96 5.61 6.98
C SER A 5 10.76 4.66 7.01
N SER A 6 9.79 4.99 7.86
CA SER A 6 8.60 4.18 7.98
C SER A 6 7.79 4.23 6.68
N ILE A 7 7.87 5.37 6.02
CA ILE A 7 7.16 5.57 4.77
C ILE A 7 7.64 4.54 3.74
N SER A 8 8.95 4.38 3.70
CA SER A 8 9.56 3.44 2.77
C SER A 8 8.72 2.16 2.69
N MET A 9 8.07 1.85 3.81
CA MET A 9 7.23 0.67 3.87
C MET A 9 5.84 0.95 3.30
N MET A 10 5.28 2.08 3.71
CA MET A 10 3.96 2.47 3.25
C MET A 10 3.97 2.74 1.74
N TYR A 11 4.60 3.83 1.37
CA TYR A 11 4.69 4.21 -0.03
C TYR A 11 4.95 2.99 -0.91
N LYS A 12 5.59 2.00 -0.33
CA LYS A 12 5.90 0.77 -1.03
C LYS A 12 4.60 0.15 -1.55
N TYR A 13 3.64 0.04 -0.65
CA TYR A 13 2.35 -0.53 -1.00
C TYR A 13 1.78 0.12 -2.27
N CYS A 14 1.98 1.42 -2.36
CA CYS A 14 1.50 2.17 -3.51
C CYS A 14 2.29 1.73 -4.74
N SER A 15 3.57 1.47 -4.53
CA SER A 15 4.45 1.04 -5.59
C SER A 15 4.21 -0.44 -5.91
N ARG A 16 3.55 -1.11 -4.97
CA ARG A 16 3.25 -2.52 -5.13
C ARG A 16 2.17 -2.72 -6.19
N LEU A 17 1.80 -1.61 -6.82
CA LEU A 17 0.77 -1.65 -7.85
C LEU A 17 1.19 -2.63 -8.94
N PRO A 18 0.18 -3.06 -9.74
CA PRO A 18 0.44 -4.01 -10.83
C PRO A 18 1.12 -3.31 -12.01
N HIS A 19 0.86 -2.01 -12.12
CA HIS A 19 1.45 -1.23 -13.19
C HIS A 19 2.92 -0.97 -12.90
N ASP A 20 3.35 -1.44 -11.73
CA ASP A 20 4.74 -1.27 -11.33
C ASP A 20 5.53 -2.53 -11.66
N GLU A 21 6.53 -2.35 -12.51
CA GLU A 21 7.37 -3.47 -12.92
C GLU A 21 8.40 -3.80 -11.83
N PHE A 22 8.75 -2.77 -11.08
CA PHE A 22 9.71 -2.93 -10.00
C PHE A 22 9.18 -3.85 -8.91
N PHE A 23 7.90 -4.19 -9.05
CA PHE A 23 7.25 -5.07 -8.08
C PHE A 23 6.53 -6.21 -8.79
N GLN A 24 6.63 -7.39 -8.19
CA GLN A 24 6.00 -8.58 -8.74
C GLN A 24 4.48 -8.39 -8.80
N PRO A 25 3.84 -9.14 -9.74
CA PRO A 25 2.40 -9.07 -9.88
C PRO A 25 1.69 -9.81 -8.76
N LYS A 26 2.11 -9.52 -7.54
CA LYS A 26 1.52 -10.14 -6.36
C LYS A 26 0.42 -9.23 -5.81
N PRO A 27 0.84 -8.02 -5.34
CA PRO A 27 -0.10 -7.07 -4.79
C PRO A 27 -0.91 -6.40 -5.89
N GLU A 28 -2.13 -6.02 -5.54
CA GLU A 28 -3.02 -5.36 -6.49
C GLU A 28 -3.82 -4.25 -5.80
N PHE A 29 -3.95 -3.14 -6.51
CA PHE A 29 -4.68 -2.01 -5.98
C PHE A 29 -5.62 -1.41 -7.03
N GLN A 30 -6.80 -1.03 -6.58
CA GLN A 30 -7.79 -0.45 -7.47
C GLN A 30 -8.60 0.62 -6.74
N PHE A 31 -8.93 1.68 -7.47
CA PHE A 31 -9.69 2.78 -6.91
C PHE A 31 -11.06 2.89 -7.58
N LYS A 32 -12.08 3.07 -6.76
CA LYS A 32 -13.44 3.20 -7.25
C LYS A 32 -13.86 4.66 -7.18
N PRO A 33 -14.12 5.25 -8.39
CA PRO A 33 -14.53 6.63 -8.47
C PRO A 33 -15.99 6.80 -8.05
N VAL A 34 -16.18 7.48 -6.93
CA VAL A 34 -17.52 7.71 -6.41
C VAL A 34 -17.80 9.22 -6.38
N ASP A 35 -19.06 9.56 -6.18
CA ASP A 35 -19.47 10.94 -6.12
C ASP A 35 -18.81 11.62 -4.92
N GLU A 36 -18.82 12.94 -4.94
CA GLU A 36 -18.23 13.72 -3.86
C GLU A 36 -18.94 13.42 -2.55
N PHE A 37 -20.11 12.79 -2.67
CA PHE A 37 -20.88 12.44 -1.50
C PHE A 37 -20.41 11.13 -0.88
N GLY A 38 -19.23 10.71 -1.31
CA GLY A 38 -18.65 9.47 -0.81
C GLY A 38 -17.19 9.35 -1.22
N GLY A 39 -16.55 10.51 -1.36
CA GLY A 39 -15.14 10.53 -1.75
C GLY A 39 -14.83 9.44 -2.76
N THR A 40 -13.68 8.80 -2.56
CA THR A 40 -13.26 7.73 -3.44
C THR A 40 -12.94 6.46 -2.64
N ILE A 41 -13.32 5.33 -3.21
CA ILE A 41 -13.09 4.06 -2.56
C ILE A 41 -11.86 3.39 -3.18
N CYS A 42 -11.12 2.69 -2.34
CA CYS A 42 -9.92 2.00 -2.80
C CYS A 42 -10.05 0.51 -2.43
N ARG A 43 -9.81 -0.34 -3.42
CA ARG A 43 -9.90 -1.76 -3.22
C ARG A 43 -8.52 -2.41 -3.37
N ILE A 44 -7.98 -2.83 -2.23
CA ILE A 44 -6.67 -3.46 -2.22
C ILE A 44 -6.80 -4.91 -1.74
N THR A 45 -6.11 -5.80 -2.43
CA THR A 45 -6.16 -7.21 -2.08
C THR A 45 -4.78 -7.85 -2.31
N LEU A 46 -4.20 -8.34 -1.22
CA LEU A 46 -2.90 -8.98 -1.29
C LEU A 46 -3.08 -10.45 -1.68
N PRO A 47 -1.95 -11.06 -2.11
CA PRO A 47 -1.96 -12.46 -2.52
C PRO A 47 -2.05 -13.39 -1.31
N ALA A 48 -2.27 -14.66 -1.59
CA ALA A 48 -2.38 -15.65 -0.54
C ALA A 48 -1.12 -15.61 0.33
N ASN A 49 -0.07 -15.01 -0.21
CA ASN A 49 1.19 -14.90 0.49
C ASN A 49 1.04 -13.88 1.62
N ALA A 50 -0.04 -13.12 1.56
CA ALA A 50 -0.31 -12.11 2.56
C ALA A 50 -1.65 -12.40 3.23
N PRO A 51 -1.65 -12.34 4.59
CA PRO A 51 -2.85 -12.60 5.36
C PRO A 51 -3.82 -11.42 5.27
N ILE A 52 -3.47 -10.35 5.98
CA ILE A 52 -4.30 -9.16 5.98
C ILE A 52 -3.62 -8.07 5.13
N SER A 53 -4.41 -7.05 4.81
CA SER A 53 -3.91 -5.95 4.01
C SER A 53 -5.03 -5.38 3.14
N GLU A 54 -6.09 -6.16 3.02
CA GLU A 54 -7.24 -5.75 2.22
C GLU A 54 -7.92 -4.55 2.86
N ILE A 55 -8.26 -3.58 2.02
CA ILE A 55 -8.92 -2.38 2.49
C ILE A 55 -9.89 -1.87 1.41
N GLU A 56 -11.17 -1.96 1.73
CA GLU A 56 -12.20 -1.52 0.80
C GLU A 56 -13.15 -0.53 1.49
N SER A 57 -13.04 0.73 1.09
CA SER A 57 -13.87 1.76 1.66
C SER A 57 -13.24 3.14 1.37
N SER A 58 -14.13 4.10 1.11
CA SER A 58 -13.68 5.45 0.82
C SER A 58 -13.25 6.15 2.11
N LEU A 59 -12.67 7.33 1.95
CA LEU A 59 -12.21 8.10 3.09
C LEU A 59 -11.69 9.46 2.61
N LEU A 60 -11.09 9.44 1.43
CA LEU A 60 -10.55 10.66 0.84
C LEU A 60 -11.37 11.04 -0.39
N PRO A 61 -11.55 12.38 -0.57
CA PRO A 61 -12.31 12.88 -1.70
C PRO A 61 -11.51 12.77 -2.99
N SER A 62 -10.31 12.22 -2.87
CA SER A 62 -9.44 12.05 -4.02
C SER A 62 -9.10 10.57 -4.20
N THR A 63 -8.89 10.20 -5.46
CA THR A 63 -8.56 8.82 -5.78
C THR A 63 -7.14 8.49 -5.33
N GLU A 64 -6.20 9.31 -5.79
CA GLU A 64 -4.80 9.13 -5.45
C GLU A 64 -4.64 9.04 -3.92
N ALA A 65 -5.45 9.84 -3.23
CA ALA A 65 -5.42 9.87 -1.79
C ALA A 65 -6.19 8.68 -1.22
N ALA A 66 -7.41 8.52 -1.72
CA ALA A 66 -8.26 7.43 -1.28
C ALA A 66 -7.48 6.12 -1.34
N LYS A 67 -6.67 5.99 -2.39
CA LYS A 67 -5.86 4.79 -2.57
C LYS A 67 -4.77 4.76 -1.50
N LYS A 68 -4.27 5.94 -1.17
CA LYS A 68 -3.22 6.04 -0.17
C LYS A 68 -3.79 5.64 1.20
N ASP A 69 -5.06 5.99 1.41
CA ASP A 69 -5.72 5.66 2.66
C ASP A 69 -5.72 4.15 2.85
N ALA A 70 -6.44 3.47 1.97
CA ALA A 70 -6.53 2.01 2.03
C ALA A 70 -5.13 1.41 1.98
N CYS A 71 -4.29 2.04 1.16
CA CYS A 71 -2.91 1.57 1.00
C CYS A 71 -2.20 1.72 2.35
N LEU A 72 -2.39 2.88 2.96
CA LEU A 72 -1.78 3.16 4.25
C LEU A 72 -2.41 2.26 5.31
N LYS A 73 -3.73 2.21 5.29
CA LYS A 73 -4.47 1.41 6.24
C LYS A 73 -4.06 -0.06 6.09
N ALA A 74 -3.79 -0.44 4.85
CA ALA A 74 -3.38 -1.81 4.56
C ALA A 74 -1.98 -2.05 5.13
N VAL A 75 -1.12 -1.07 4.93
CA VAL A 75 0.25 -1.16 5.42
C VAL A 75 0.23 -1.31 6.95
N HIS A 76 -0.56 -0.46 7.58
CA HIS A 76 -0.68 -0.48 9.03
C HIS A 76 -1.26 -1.83 9.47
N GLU A 77 -2.28 -2.26 8.74
CA GLU A 77 -2.93 -3.53 9.05
C GLU A 77 -1.94 -4.69 8.90
N LEU A 78 -0.98 -4.49 8.01
CA LEU A 78 0.03 -5.50 7.75
C LEU A 78 1.20 -5.30 8.72
N HIS A 79 1.57 -4.04 8.90
CA HIS A 79 2.66 -3.71 9.79
C HIS A 79 2.35 -4.19 11.21
N ASN A 80 1.12 -3.90 11.63
CA ASN A 80 0.68 -4.31 12.96
C ASN A 80 0.82 -5.82 13.11
N LEU A 81 0.71 -6.51 11.98
CA LEU A 81 0.83 -7.95 11.97
C LEU A 81 2.26 -8.34 11.56
N GLY A 82 2.51 -8.26 10.27
CA GLY A 82 3.82 -8.59 9.73
C GLY A 82 4.19 -10.05 10.07
N VAL A 83 3.35 -10.95 9.62
CA VAL A 83 3.58 -12.37 9.87
C VAL A 83 4.17 -13.01 8.61
N LEU A 84 4.50 -12.16 7.65
CA LEU A 84 5.08 -12.63 6.40
C LEU A 84 6.41 -11.91 6.16
N ASN A 85 7.00 -11.44 7.25
CA ASN A 85 8.27 -10.74 7.17
C ASN A 85 9.29 -11.61 6.44
N ASP A 86 8.98 -12.90 6.40
CA ASP A 86 9.87 -13.85 5.74
C ASP A 86 9.63 -13.80 4.23
N PHE A 87 8.46 -13.31 3.87
CA PHE A 87 8.10 -13.20 2.46
C PHE A 87 8.39 -11.80 1.92
N LEU A 88 8.59 -10.88 2.86
CA LEU A 88 8.89 -9.51 2.49
C LEU A 88 10.39 -9.35 2.24
N LEU A 89 10.74 -8.39 1.40
CA LEU A 89 12.12 -8.14 1.08
C LEU A 89 12.86 -7.64 2.32
N PRO A 90 13.96 -8.36 2.67
CA PRO A 90 14.75 -8.00 3.83
C PRO A 90 15.61 -6.76 3.56
N ASP A 91 16.82 -7.01 3.11
CA ASP A 91 17.74 -5.93 2.80
C ASP A 91 17.31 -5.25 1.50
N SER A 92 16.59 -6.01 0.69
CA SER A 92 16.10 -5.49 -0.58
C SER A 92 15.21 -4.27 -0.35
N LYS A 93 14.30 -4.41 0.61
CA LYS A 93 13.39 -3.34 0.94
C LYS A 93 14.07 -2.36 1.90
N ASP A 94 15.21 -2.81 2.43
CA ASP A 94 15.96 -1.99 3.36
C ASP A 94 16.83 -1.00 2.57
N GLU A 95 16.85 -1.20 1.27
CA GLU A 95 17.63 -0.34 0.39
C GLU A 95 16.69 0.52 -0.48
N ILE A 96 15.70 1.11 0.18
CA ILE A 96 14.75 1.95 -0.51
C ILE A 96 14.76 3.34 0.12
N GLU A 97 14.06 4.26 -0.53
CA GLU A 97 13.98 5.63 -0.06
C GLU A 97 12.52 6.04 0.13
N ASP A 98 12.31 6.98 1.05
CA ASP A 98 10.98 7.47 1.33
C ASP A 98 10.38 8.07 0.06
N GLU A 99 11.22 8.80 -0.66
CA GLU A 99 10.78 9.44 -1.90
C GLU A 99 10.71 8.40 -3.03
N LEU A 100 11.72 7.56 -3.08
CA LEU A 100 11.78 6.53 -4.11
C LEU A 100 10.51 5.69 -4.06
N SER A 101 10.20 5.20 -2.87
CA SER A 101 9.02 4.39 -2.68
C SER A 101 7.78 5.15 -3.14
N ASP A 102 6.82 4.40 -3.67
CA ASP A 102 5.58 4.99 -4.16
C ASP A 102 4.72 3.90 -4.79
N ILE A 1 7.28 12.00 14.38
CA ILE A 1 8.57 11.80 13.74
C ILE A 1 8.47 10.64 12.74
N SER A 2 7.68 10.85 11.71
CA SER A 2 7.49 9.84 10.69
C SER A 2 7.25 10.50 9.33
N GLY A 3 8.34 10.77 8.63
CA GLY A 3 8.26 11.40 7.33
C GLY A 3 9.59 11.29 6.58
N GLY A 4 10.11 10.07 6.56
CA GLY A 4 11.38 9.82 5.88
C GLY A 4 11.57 8.32 5.63
N SER A 5 12.45 7.73 6.42
CA SER A 5 12.74 6.30 6.29
C SER A 5 11.49 5.49 6.62
N SER A 6 10.64 6.07 7.45
CA SER A 6 9.41 5.42 7.85
C SER A 6 8.57 5.07 6.61
N ILE A 7 8.70 5.93 5.60
CA ILE A 7 7.96 5.73 4.36
C ILE A 7 8.35 4.38 3.75
N SER A 8 9.64 4.08 3.84
CA SER A 8 10.15 2.83 3.31
C SER A 8 9.14 1.71 3.54
N MET A 9 8.40 1.84 4.63
CA MET A 9 7.40 0.84 4.98
C MET A 9 6.10 1.09 4.23
N MET A 10 5.51 2.26 4.48
CA MET A 10 4.27 2.61 3.82
C MET A 10 4.42 2.62 2.30
N TYR A 11 5.62 2.97 1.86
CA TYR A 11 5.91 3.01 0.44
C TYR A 11 5.84 1.61 -0.18
N LYS A 12 6.57 0.69 0.44
CA LYS A 12 6.59 -0.69 -0.03
C LYS A 12 5.18 -1.10 -0.47
N TYR A 13 4.20 -0.60 0.26
CA TYR A 13 2.80 -0.90 -0.05
C TYR A 13 2.38 -0.25 -1.35
N CYS A 14 2.85 0.98 -1.55
CA CYS A 14 2.52 1.73 -2.74
C CYS A 14 3.36 1.18 -3.90
N SER A 15 4.66 1.08 -3.65
CA SER A 15 5.58 0.57 -4.66
C SER A 15 5.02 -0.71 -5.27
N ARG A 16 4.12 -1.35 -4.53
CA ARG A 16 3.51 -2.59 -4.99
C ARG A 16 2.58 -2.31 -6.17
N LEU A 17 2.53 -1.05 -6.56
CA LEU A 17 1.69 -0.64 -7.67
C LEU A 17 2.07 -1.45 -8.92
N PRO A 18 1.06 -1.65 -9.81
CA PRO A 18 1.28 -2.39 -11.04
C PRO A 18 2.06 -1.56 -12.05
N HIS A 19 1.71 -0.28 -12.09
CA HIS A 19 2.37 0.64 -13.02
C HIS A 19 3.87 0.70 -12.71
N ASP A 20 4.22 0.18 -11.54
CA ASP A 20 5.60 0.19 -11.11
C ASP A 20 6.33 -1.00 -11.76
N GLU A 21 7.36 -0.67 -12.52
CA GLU A 21 8.13 -1.69 -13.20
C GLU A 21 9.10 -2.37 -12.22
N PHE A 22 9.50 -1.61 -11.22
CA PHE A 22 10.42 -2.12 -10.21
C PHE A 22 9.72 -3.13 -9.30
N PHE A 23 8.43 -3.29 -9.52
CA PHE A 23 7.64 -4.21 -8.74
C PHE A 23 6.77 -5.10 -9.64
N GLN A 24 6.62 -6.35 -9.20
CA GLN A 24 5.82 -7.30 -9.96
C GLN A 24 4.34 -7.18 -9.56
N PRO A 25 3.46 -7.58 -10.52
CA PRO A 25 2.03 -7.52 -10.29
C PRO A 25 1.58 -8.65 -9.35
N LYS A 26 2.22 -8.71 -8.21
CA LYS A 26 1.90 -9.73 -7.22
C LYS A 26 0.62 -9.32 -6.47
N PRO A 27 0.63 -8.07 -5.96
CA PRO A 27 -0.51 -7.55 -5.23
C PRO A 27 -1.66 -7.20 -6.18
N GLU A 28 -2.65 -6.51 -5.63
CA GLU A 28 -3.81 -6.10 -6.41
C GLU A 28 -4.29 -4.73 -5.97
N PHE A 29 -4.66 -3.92 -6.96
CA PHE A 29 -5.14 -2.58 -6.69
C PHE A 29 -6.38 -2.25 -7.53
N GLN A 30 -7.37 -1.67 -6.88
CA GLN A 30 -8.60 -1.31 -7.55
C GLN A 30 -9.15 0.00 -6.98
N PHE A 31 -9.63 0.85 -7.87
CA PHE A 31 -10.18 2.13 -7.47
C PHE A 31 -11.66 2.22 -7.84
N LYS A 32 -12.47 2.63 -6.87
CA LYS A 32 -13.90 2.77 -7.09
C LYS A 32 -14.29 4.24 -6.95
N PRO A 33 -14.67 4.84 -8.10
CA PRO A 33 -15.07 6.24 -8.12
C PRO A 33 -16.47 6.42 -7.53
N VAL A 34 -16.54 7.21 -6.47
CA VAL A 34 -17.81 7.47 -5.81
C VAL A 34 -18.17 8.95 -5.97
N ASP A 35 -19.40 9.26 -5.60
CA ASP A 35 -19.89 10.62 -5.71
C ASP A 35 -19.07 11.53 -4.78
N GLU A 36 -19.06 12.82 -5.11
CA GLU A 36 -18.33 13.78 -4.32
C GLU A 36 -18.88 13.85 -2.90
N PHE A 37 -20.04 13.24 -2.73
CA PHE A 37 -20.70 13.22 -1.43
C PHE A 37 -19.84 12.48 -0.40
N GLY A 38 -18.79 11.85 -0.89
CA GLY A 38 -17.89 11.10 -0.03
C GLY A 38 -16.44 11.22 -0.50
N GLY A 39 -16.15 10.52 -1.59
CA GLY A 39 -14.82 10.54 -2.15
C GLY A 39 -14.62 9.38 -3.13
N THR A 40 -13.53 8.65 -2.93
CA THR A 40 -13.21 7.51 -3.78
C THR A 40 -12.84 6.30 -2.93
N ILE A 41 -13.25 5.13 -3.42
CA ILE A 41 -12.96 3.89 -2.72
C ILE A 41 -11.77 3.20 -3.37
N CYS A 42 -10.93 2.61 -2.53
CA CYS A 42 -9.76 1.91 -3.03
C CYS A 42 -9.80 0.46 -2.52
N ARG A 43 -9.65 -0.46 -3.46
CA ARG A 43 -9.68 -1.88 -3.12
C ARG A 43 -8.28 -2.48 -3.26
N ILE A 44 -7.69 -2.80 -2.12
CA ILE A 44 -6.36 -3.38 -2.09
C ILE A 44 -6.42 -4.75 -1.43
N THR A 45 -5.75 -5.71 -2.05
CA THR A 45 -5.71 -7.06 -1.53
C THR A 45 -4.40 -7.74 -1.88
N LEU A 46 -3.60 -8.02 -0.85
CA LEU A 46 -2.32 -8.67 -1.04
C LEU A 46 -2.54 -10.14 -1.38
N PRO A 47 -1.44 -10.80 -1.84
CA PRO A 47 -1.50 -12.20 -2.20
C PRO A 47 -1.54 -13.09 -0.95
N ALA A 48 -1.64 -14.38 -1.18
CA ALA A 48 -1.68 -15.35 -0.09
C ALA A 48 -0.38 -15.26 0.72
N ASN A 49 0.60 -14.59 0.12
CA ASN A 49 1.89 -14.43 0.77
C ASN A 49 1.77 -13.40 1.90
N ALA A 50 0.66 -12.68 1.87
CA ALA A 50 0.41 -11.67 2.89
C ALA A 50 -0.87 -12.01 3.65
N PRO A 51 -0.81 -11.81 4.99
CA PRO A 51 -1.96 -12.10 5.84
C PRO A 51 -3.03 -11.03 5.70
N ILE A 52 -2.80 -9.90 6.35
CA ILE A 52 -3.73 -8.79 6.29
C ILE A 52 -3.17 -7.69 5.38
N SER A 53 -4.04 -6.75 5.04
CA SER A 53 -3.65 -5.64 4.18
C SER A 53 -4.86 -5.12 3.40
N GLU A 54 -5.86 -5.98 3.30
CA GLU A 54 -7.08 -5.62 2.59
C GLU A 54 -7.57 -4.25 3.05
N ILE A 55 -7.97 -3.45 2.07
CA ILE A 55 -8.46 -2.11 2.36
C ILE A 55 -9.51 -1.72 1.31
N GLU A 56 -10.73 -1.53 1.78
CA GLU A 56 -11.82 -1.15 0.89
C GLU A 56 -12.75 -0.17 1.58
N SER A 57 -12.61 1.10 1.22
CA SER A 57 -13.42 2.14 1.79
C SER A 57 -12.83 3.52 1.46
N SER A 58 -13.70 4.40 0.98
CA SER A 58 -13.29 5.75 0.63
C SER A 58 -13.09 6.59 1.88
N LEU A 59 -12.70 7.83 1.67
CA LEU A 59 -12.47 8.75 2.78
C LEU A 59 -11.95 10.08 2.23
N LEU A 60 -11.23 9.99 1.12
CA LEU A 60 -10.66 11.17 0.49
C LEU A 60 -11.39 11.43 -0.82
N PRO A 61 -11.44 12.74 -1.20
CA PRO A 61 -12.10 13.13 -2.43
C PRO A 61 -11.24 12.79 -3.65
N SER A 62 -10.06 12.27 -3.38
CA SER A 62 -9.13 11.89 -4.43
C SER A 62 -8.81 10.40 -4.34
N THR A 63 -8.52 9.82 -5.49
CA THR A 63 -8.19 8.41 -5.57
C THR A 63 -6.81 8.14 -4.95
N GLU A 64 -5.83 8.90 -5.44
CA GLU A 64 -4.47 8.76 -4.96
C GLU A 64 -4.43 8.90 -3.43
N ALA A 65 -5.27 9.81 -2.93
CA ALA A 65 -5.34 10.05 -1.50
C ALA A 65 -6.17 8.96 -0.84
N ALA A 66 -7.36 8.74 -1.41
CA ALA A 66 -8.26 7.73 -0.89
C ALA A 66 -7.54 6.39 -0.82
N LYS A 67 -6.89 6.05 -1.93
CA LYS A 67 -6.15 4.80 -2.00
C LYS A 67 -4.93 4.86 -1.08
N LYS A 68 -4.35 6.05 -1.01
CA LYS A 68 -3.19 6.26 -0.15
C LYS A 68 -3.59 6.11 1.30
N ASP A 69 -4.75 6.67 1.63
CA ASP A 69 -5.27 6.61 2.99
C ASP A 69 -5.40 5.14 3.41
N ALA A 70 -6.26 4.44 2.69
CA ALA A 70 -6.50 3.03 2.98
C ALA A 70 -5.16 2.28 2.97
N CYS A 71 -4.39 2.53 1.92
CA CYS A 71 -3.09 1.89 1.78
C CYS A 71 -2.27 2.21 3.02
N LEU A 72 -2.27 3.47 3.38
CA LEU A 72 -1.51 3.92 4.55
C LEU A 72 -2.02 3.16 5.79
N LYS A 73 -3.33 3.13 5.93
CA LYS A 73 -3.95 2.45 7.06
C LYS A 73 -3.68 0.95 6.96
N ALA A 74 -3.60 0.48 5.72
CA ALA A 74 -3.35 -0.93 5.47
C ALA A 74 -1.93 -1.28 5.93
N VAL A 75 -1.00 -0.37 5.65
CA VAL A 75 0.38 -0.58 6.03
C VAL A 75 0.46 -0.80 7.53
N HIS A 76 -0.35 -0.05 8.27
CA HIS A 76 -0.37 -0.17 9.72
C HIS A 76 -0.80 -1.59 10.11
N GLU A 77 -1.86 -2.05 9.46
CA GLU A 77 -2.38 -3.38 9.73
C GLU A 77 -1.30 -4.43 9.45
N LEU A 78 -0.45 -4.11 8.50
CA LEU A 78 0.62 -5.02 8.12
C LEU A 78 1.83 -4.77 9.02
N HIS A 79 1.97 -3.52 9.44
CA HIS A 79 3.08 -3.14 10.30
C HIS A 79 2.85 -3.70 11.71
N ASN A 80 1.64 -3.51 12.19
CA ASN A 80 1.27 -3.99 13.53
C ASN A 80 1.40 -5.51 13.56
N LEU A 81 1.20 -6.12 12.40
CA LEU A 81 1.30 -7.56 12.28
C LEU A 81 2.68 -7.94 11.77
N GLY A 82 2.85 -7.85 10.46
CA GLY A 82 4.12 -8.17 9.84
C GLY A 82 4.70 -9.46 10.41
N VAL A 83 3.94 -10.55 10.21
CA VAL A 83 4.36 -11.85 10.70
C VAL A 83 4.65 -12.77 9.51
N LEU A 84 4.30 -12.28 8.33
CA LEU A 84 4.51 -13.04 7.12
C LEU A 84 5.49 -12.30 6.21
N ASN A 85 6.25 -11.41 6.83
CA ASN A 85 7.23 -10.63 6.09
C ASN A 85 8.30 -11.56 5.53
N ASP A 86 8.33 -12.78 6.07
CA ASP A 86 9.30 -13.76 5.64
C ASP A 86 8.96 -14.22 4.21
N PHE A 87 7.71 -14.01 3.84
CA PHE A 87 7.26 -14.38 2.51
C PHE A 87 7.38 -13.20 1.53
N LEU A 88 7.54 -12.02 2.11
CA LEU A 88 7.67 -10.81 1.30
C LEU A 88 9.14 -10.37 1.30
N LEU A 89 9.51 -9.71 0.21
CA LEU A 89 10.88 -9.22 0.06
C LEU A 89 11.15 -8.15 1.12
N PRO A 90 12.43 -8.11 1.59
CA PRO A 90 12.83 -7.15 2.60
C PRO A 90 12.97 -5.75 1.98
N ASP A 91 13.67 -4.89 2.72
CA ASP A 91 13.89 -3.53 2.26
C ASP A 91 15.33 -3.38 1.77
N SER A 92 16.18 -4.28 2.24
CA SER A 92 17.58 -4.25 1.86
C SER A 92 17.74 -4.74 0.43
N LYS A 93 17.12 -5.88 0.15
CA LYS A 93 17.18 -6.47 -1.18
C LYS A 93 16.29 -5.67 -2.12
N ASP A 94 15.48 -4.79 -1.54
CA ASP A 94 14.59 -3.96 -2.32
C ASP A 94 15.31 -2.67 -2.73
N GLU A 95 16.31 -2.33 -1.94
CA GLU A 95 17.09 -1.12 -2.20
C GLU A 95 16.19 -0.05 -2.81
N ILE A 96 15.39 0.57 -1.96
CA ILE A 96 14.49 1.62 -2.39
C ILE A 96 14.68 2.85 -1.51
N GLU A 97 14.11 3.96 -1.96
CA GLU A 97 14.21 5.21 -1.23
C GLU A 97 12.82 5.75 -0.90
N ASP A 98 12.75 6.51 0.19
CA ASP A 98 11.49 7.09 0.61
C ASP A 98 10.96 8.01 -0.48
N GLU A 99 11.81 8.91 -0.92
CA GLU A 99 11.44 9.85 -1.97
C GLU A 99 10.97 9.10 -3.22
N LEU A 100 11.57 7.93 -3.42
CA LEU A 100 11.23 7.11 -4.56
C LEU A 100 9.88 6.43 -4.32
N SER A 101 9.32 6.71 -3.15
CA SER A 101 8.03 6.14 -2.77
C SER A 101 7.00 6.41 -3.87
N ASP A 102 6.12 5.43 -4.06
CA ASP A 102 5.08 5.55 -5.06
C ASP A 102 4.27 4.26 -5.10
N ILE A 1 22.20 8.27 11.33
CA ILE A 1 21.25 7.89 10.29
C ILE A 1 19.94 8.66 10.49
N SER A 2 19.43 9.20 9.40
CA SER A 2 18.19 9.97 9.44
C SER A 2 17.43 9.79 8.14
N GLY A 3 16.11 9.75 8.25
CA GLY A 3 15.26 9.59 7.09
C GLY A 3 13.82 9.28 7.50
N GLY A 4 12.92 9.40 6.54
CA GLY A 4 11.51 9.13 6.78
C GLY A 4 11.29 7.67 7.15
N SER A 5 11.32 7.40 8.44
CA SER A 5 11.12 6.05 8.93
C SER A 5 9.66 5.65 8.79
N SER A 6 8.79 6.65 8.90
CA SER A 6 7.36 6.42 8.79
C SER A 6 7.02 5.88 7.40
N ILE A 7 7.80 6.31 6.42
CA ILE A 7 7.59 5.88 5.05
C ILE A 7 7.92 4.39 4.94
N SER A 8 8.88 3.96 5.74
CA SER A 8 9.29 2.57 5.74
C SER A 8 8.08 1.66 5.49
N MET A 9 6.94 2.13 5.98
CA MET A 9 5.71 1.37 5.82
C MET A 9 4.88 1.90 4.65
N MET A 10 4.57 3.19 4.73
CA MET A 10 3.79 3.83 3.68
C MET A 10 4.42 3.62 2.31
N TYR A 11 5.71 3.27 2.33
CA TYR A 11 6.44 3.03 1.10
C TYR A 11 5.98 1.74 0.42
N LYS A 12 6.16 0.64 1.15
CA LYS A 12 5.78 -0.66 0.64
C LYS A 12 4.49 -0.53 -0.16
N TYR A 13 3.56 0.24 0.37
CA TYR A 13 2.28 0.46 -0.28
C TYR A 13 2.49 0.92 -1.73
N CYS A 14 3.28 1.97 -1.88
CA CYS A 14 3.56 2.51 -3.20
C CYS A 14 4.32 1.45 -4.00
N SER A 15 5.31 0.87 -3.35
CA SER A 15 6.13 -0.16 -3.98
C SER A 15 5.22 -1.22 -4.62
N ARG A 16 3.99 -1.27 -4.14
CA ARG A 16 3.03 -2.23 -4.64
C ARG A 16 2.47 -1.76 -5.99
N LEU A 17 3.01 -0.65 -6.46
CA LEU A 17 2.58 -0.08 -7.73
C LEU A 17 2.78 -1.11 -8.83
N PRO A 18 1.63 -1.57 -9.42
CA PRO A 18 1.67 -2.55 -10.48
C PRO A 18 2.12 -1.91 -11.80
N HIS A 19 1.70 -0.67 -11.99
CA HIS A 19 2.05 0.06 -13.20
C HIS A 19 3.58 0.19 -13.29
N ASP A 20 4.23 -0.07 -12.18
CA ASP A 20 5.68 0.01 -12.11
C ASP A 20 6.28 -1.29 -12.64
N GLU A 21 7.11 -1.15 -13.66
CA GLU A 21 7.76 -2.31 -14.27
C GLU A 21 8.90 -2.80 -13.37
N PHE A 22 9.48 -1.87 -12.63
CA PHE A 22 10.57 -2.18 -11.74
C PHE A 22 10.11 -3.12 -10.62
N PHE A 23 8.86 -2.95 -10.24
CA PHE A 23 8.28 -3.76 -9.18
C PHE A 23 7.52 -4.96 -9.75
N GLN A 24 7.68 -6.09 -9.10
CA GLN A 24 7.03 -7.32 -9.54
C GLN A 24 5.54 -7.28 -9.18
N PRO A 25 4.73 -7.99 -9.99
CA PRO A 25 3.29 -8.05 -9.77
C PRO A 25 2.95 -8.95 -8.59
N LYS A 26 1.81 -8.67 -7.98
CA LYS A 26 1.36 -9.45 -6.83
C LYS A 26 0.16 -8.74 -6.18
N PRO A 27 0.38 -7.45 -5.83
CA PRO A 27 -0.67 -6.65 -5.21
C PRO A 27 -1.73 -6.23 -6.23
N GLU A 28 -2.86 -5.80 -5.71
CA GLU A 28 -3.96 -5.37 -6.57
C GLU A 28 -4.62 -4.11 -5.98
N PHE A 29 -5.05 -3.24 -6.89
CA PHE A 29 -5.70 -2.01 -6.48
C PHE A 29 -6.98 -1.77 -7.29
N GLN A 30 -8.04 -1.44 -6.56
CA GLN A 30 -9.32 -1.19 -7.20
C GLN A 30 -10.03 -0.01 -6.52
N PHE A 31 -10.59 0.86 -7.34
CA PHE A 31 -11.29 2.02 -6.84
C PHE A 31 -12.79 1.96 -7.17
N LYS A 32 -13.59 2.25 -6.15
CA LYS A 32 -15.03 2.22 -6.32
C LYS A 32 -15.57 3.65 -6.40
N PRO A 33 -16.18 3.98 -7.56
CA PRO A 33 -16.74 5.30 -7.77
C PRO A 33 -18.04 5.48 -7.00
N VAL A 34 -18.02 6.46 -6.10
CA VAL A 34 -19.19 6.75 -5.29
C VAL A 34 -19.56 8.22 -5.44
N ASP A 35 -20.70 8.57 -4.88
CA ASP A 35 -21.18 9.95 -4.95
C ASP A 35 -20.19 10.86 -4.23
N GLU A 36 -19.98 12.04 -4.81
CA GLU A 36 -19.06 13.00 -4.25
C GLU A 36 -19.54 13.45 -2.87
N PHE A 37 -20.78 13.07 -2.56
CA PHE A 37 -21.37 13.44 -1.28
C PHE A 37 -20.61 12.78 -0.12
N GLY A 38 -19.69 11.89 -0.49
CA GLY A 38 -18.88 11.20 0.51
C GLY A 38 -17.43 11.10 0.05
N GLY A 39 -17.25 10.74 -1.20
CA GLY A 39 -15.91 10.61 -1.76
C GLY A 39 -15.81 9.38 -2.67
N THR A 40 -14.72 8.64 -2.49
CA THR A 40 -14.49 7.45 -3.28
C THR A 40 -14.06 6.29 -2.38
N ILE A 41 -14.35 5.08 -2.84
CA ILE A 41 -13.99 3.88 -2.09
C ILE A 41 -12.68 3.31 -2.64
N CYS A 42 -11.91 2.73 -1.74
CA CYS A 42 -10.64 2.13 -2.12
C CYS A 42 -10.71 0.63 -1.85
N ARG A 43 -10.37 -0.14 -2.87
CA ARG A 43 -10.39 -1.59 -2.77
C ARG A 43 -8.99 -2.16 -3.05
N ILE A 44 -8.36 -2.63 -1.99
CA ILE A 44 -7.02 -3.21 -2.11
C ILE A 44 -7.06 -4.66 -1.63
N THR A 45 -6.35 -5.51 -2.36
CA THR A 45 -6.28 -6.92 -2.01
C THR A 45 -4.88 -7.48 -2.30
N LEU A 46 -4.20 -7.85 -1.22
CA LEU A 46 -2.86 -8.40 -1.34
C LEU A 46 -2.95 -9.88 -1.71
N PRO A 47 -1.79 -10.43 -2.15
CA PRO A 47 -1.72 -11.83 -2.54
C PRO A 47 -1.72 -12.73 -1.31
N ALA A 48 -1.74 -14.03 -1.58
CA ALA A 48 -1.75 -15.02 -0.51
C ALA A 48 -0.41 -14.95 0.23
N ASN A 49 0.60 -14.47 -0.47
CA ASN A 49 1.93 -14.35 0.10
C ASN A 49 1.92 -13.26 1.17
N ALA A 50 0.81 -12.55 1.23
CA ALA A 50 0.66 -11.47 2.19
C ALA A 50 -0.50 -11.79 3.15
N PRO A 51 -0.33 -11.33 4.42
CA PRO A 51 -1.34 -11.57 5.44
C PRO A 51 -2.56 -10.67 5.21
N ILE A 52 -2.51 -9.51 5.86
CA ILE A 52 -3.60 -8.54 5.75
C ILE A 52 -3.15 -7.38 4.87
N SER A 53 -4.09 -6.48 4.61
CA SER A 53 -3.81 -5.31 3.78
C SER A 53 -5.08 -4.85 3.07
N GLU A 54 -6.04 -5.77 2.99
CA GLU A 54 -7.30 -5.47 2.34
C GLU A 54 -7.93 -4.21 2.95
N ILE A 55 -8.49 -3.39 2.07
CA ILE A 55 -9.12 -2.15 2.50
C ILE A 55 -10.31 -1.85 1.58
N GLU A 56 -11.46 -1.68 2.20
CA GLU A 56 -12.68 -1.38 1.46
C GLU A 56 -13.53 -0.36 2.22
N SER A 57 -13.20 0.91 2.03
CA SER A 57 -13.93 1.97 2.69
C SER A 57 -13.51 3.33 2.11
N SER A 58 -14.51 4.14 1.79
CA SER A 58 -14.26 5.45 1.24
C SER A 58 -13.82 6.42 2.35
N LEU A 59 -13.29 7.56 1.92
CA LEU A 59 -12.83 8.56 2.86
C LEU A 59 -12.34 9.78 2.09
N LEU A 60 -11.74 9.52 0.94
CA LEU A 60 -11.22 10.59 0.10
C LEU A 60 -12.04 10.65 -1.19
N PRO A 61 -12.23 11.91 -1.68
CA PRO A 61 -12.98 12.12 -2.91
C PRO A 61 -12.16 11.73 -4.14
N SER A 62 -10.97 11.23 -3.88
CA SER A 62 -10.07 10.81 -4.95
C SER A 62 -9.78 9.31 -4.82
N THR A 63 -9.64 8.67 -5.97
CA THR A 63 -9.35 7.25 -6.00
C THR A 63 -7.91 6.98 -5.55
N GLU A 64 -6.98 7.70 -6.17
CA GLU A 64 -5.57 7.56 -5.85
C GLU A 64 -5.34 7.89 -4.38
N ALA A 65 -6.09 8.86 -3.88
CA ALA A 65 -5.96 9.28 -2.50
C ALA A 65 -6.67 8.26 -1.59
N ALA A 66 -7.92 7.99 -1.94
CA ALA A 66 -8.71 7.04 -1.17
C ALA A 66 -7.93 5.74 -1.01
N LYS A 67 -7.30 5.31 -2.10
CA LYS A 67 -6.52 4.09 -2.09
C LYS A 67 -5.26 4.31 -1.25
N LYS A 68 -4.65 5.47 -1.44
CA LYS A 68 -3.44 5.81 -0.71
C LYS A 68 -3.75 5.83 0.79
N ASP A 69 -4.89 6.40 1.12
CA ASP A 69 -5.31 6.48 2.51
C ASP A 69 -5.42 5.07 3.09
N ALA A 70 -6.34 4.30 2.51
CA ALA A 70 -6.56 2.93 2.96
C ALA A 70 -5.24 2.16 2.87
N CYS A 71 -4.52 2.40 1.78
CA CYS A 71 -3.24 1.73 1.57
C CYS A 71 -2.35 1.99 2.78
N LEU A 72 -2.39 3.23 3.25
CA LEU A 72 -1.60 3.62 4.40
C LEU A 72 -2.00 2.77 5.60
N LYS A 73 -3.30 2.60 5.77
CA LYS A 73 -3.81 1.81 6.87
C LYS A 73 -3.43 0.34 6.67
N ALA A 74 -3.49 -0.09 5.42
CA ALA A 74 -3.15 -1.46 5.07
C ALA A 74 -1.65 -1.68 5.26
N VAL A 75 -0.89 -0.68 4.84
CA VAL A 75 0.56 -0.75 4.96
C VAL A 75 0.93 -0.95 6.43
N HIS A 76 0.28 -0.20 7.29
CA HIS A 76 0.53 -0.29 8.72
C HIS A 76 0.08 -1.65 9.23
N GLU A 77 -1.12 -2.04 8.84
CA GLU A 77 -1.67 -3.32 9.25
C GLU A 77 -0.75 -4.46 8.83
N LEU A 78 -0.06 -4.24 7.71
CA LEU A 78 0.85 -5.24 7.19
C LEU A 78 2.21 -5.10 7.91
N HIS A 79 2.56 -3.86 8.22
CA HIS A 79 3.80 -3.59 8.91
C HIS A 79 3.70 -4.05 10.36
N ASN A 80 2.61 -3.67 11.00
CA ASN A 80 2.39 -4.03 12.39
C ASN A 80 2.28 -5.55 12.50
N LEU A 81 1.66 -6.15 11.50
CA LEU A 81 1.48 -7.60 11.46
C LEU A 81 2.73 -8.25 10.86
N GLY A 82 2.85 -8.11 9.55
CA GLY A 82 3.98 -8.68 8.83
C GLY A 82 4.34 -10.06 9.39
N VAL A 83 3.36 -10.94 9.40
CA VAL A 83 3.56 -12.29 9.90
C VAL A 83 4.01 -13.19 8.75
N LEU A 84 3.88 -12.67 7.54
CA LEU A 84 4.27 -13.41 6.36
C LEU A 84 5.21 -12.56 5.50
N ASN A 85 5.59 -11.42 6.06
CA ASN A 85 6.48 -10.51 5.36
C ASN A 85 7.86 -11.16 5.23
N ASP A 86 8.05 -12.22 6.01
CA ASP A 86 9.32 -12.93 5.98
C ASP A 86 9.52 -13.57 4.61
N PHE A 87 8.40 -13.75 3.91
CA PHE A 87 8.44 -14.35 2.58
C PHE A 87 8.51 -13.27 1.50
N LEU A 88 8.18 -12.04 1.90
CA LEU A 88 8.21 -10.92 0.98
C LEU A 88 9.41 -10.03 1.31
N LEU A 89 9.89 -9.34 0.28
CA LEU A 89 11.02 -8.45 0.44
C LEU A 89 10.60 -7.24 1.28
N PRO A 90 11.34 -7.01 2.39
CA PRO A 90 11.06 -5.90 3.27
C PRO A 90 11.51 -4.57 2.65
N ASP A 91 11.65 -3.57 3.51
CA ASP A 91 12.07 -2.26 3.07
C ASP A 91 13.54 -2.04 3.44
N SER A 92 13.97 -2.80 4.45
CA SER A 92 15.34 -2.70 4.92
C SER A 92 16.29 -3.37 3.92
N LYS A 93 15.93 -4.58 3.54
CA LYS A 93 16.74 -5.34 2.60
C LYS A 93 16.71 -4.64 1.24
N ASP A 94 15.76 -3.73 1.10
CA ASP A 94 15.62 -2.98 -0.15
C ASP A 94 16.48 -1.71 -0.08
N GLU A 95 16.85 -1.36 1.14
CA GLU A 95 17.67 -0.18 1.36
C GLU A 95 17.27 0.93 0.38
N ILE A 96 16.16 1.58 0.70
CA ILE A 96 15.66 2.66 -0.13
C ILE A 96 15.42 3.89 0.74
N GLU A 97 15.11 5.00 0.07
CA GLU A 97 14.85 6.24 0.76
C GLU A 97 13.35 6.52 0.83
N ASP A 98 12.97 7.28 1.85
CA ASP A 98 11.56 7.63 2.03
C ASP A 98 11.05 8.35 0.79
N GLU A 99 11.93 9.16 0.21
CA GLU A 99 11.58 9.92 -0.98
C GLU A 99 11.59 9.01 -2.22
N LEU A 100 12.49 8.03 -2.17
CA LEU A 100 12.62 7.09 -3.27
C LEU A 100 11.42 6.13 -3.28
N SER A 101 10.57 6.31 -2.27
CA SER A 101 9.39 5.48 -2.15
C SER A 101 8.58 5.51 -3.46
N ASP A 102 7.71 4.52 -3.60
CA ASP A 102 6.88 4.44 -4.78
C ASP A 102 7.77 4.23 -6.01
#